data_4P42
#
_entry.id   4P42
#
_cell.length_a   74.332
_cell.length_b   88.382
_cell.length_c   167.190
_cell.angle_alpha   90.00
_cell.angle_beta   90.00
_cell.angle_gamma   90.00
#
_symmetry.space_group_name_H-M   'P 21 21 21'
#
loop_
_entity.id
_entity.type
_entity.pdbx_description
1 polymer 'Extended synaptotagmin-2'
2 non-polymer '2-(2-{2-[2-(2-{2-[2-(2-{2-[4-(1,1,3,3-TETRAMETHYL-BUTYL)-PHENOXY]-ETHOXY}-ETHOXY)-ETHOXY]-ETHOXY}-ETHOXY)-ETHOXY]-ETHOX Y}-ETHOXY)-ETHANOL'
3 non-polymer 1,2-dioleoyl-sn-glycero-3-phosphoethanolamine
4 water water
#
_entity_poly.entity_id   1
_entity_poly.type   'polypeptide(L)'
_entity_poly.pdbx_seq_one_letter_code
;GSDTERAEWLNKTVKHMWPFICQFIEKLFRETIEPAVRGANTHLSTFSFTKVDVGQQPLRINGVKVYTENVDKRQIILDL
QISFVGNCEIDLEIKRYFCRAGVKSIQIHGTMRVILEPLIGDMPLVGALSIFFLRKPLLEINWTGLTNLLDVPGLNGLSD
TIILDIISNYLVLPNRITVPLVSEVQIAQLRFPVPKGVLRIHFIEAQDLQGKDTYLKGLVKGKSDPYGIIRVGNQIFQSR
VIKENLSPKWNEVYEALVYEHPGQELEIELFDEDPDKDDFLGSLMIDLIEVEKERLLDEWFTLDEVPKGKLHLRLEWLTL
MPNASNLDKVLTDIKADKDQANDGLSSALLILYLDSARNLPSGKKISSNPNPVVQMSVGHKAQESKIRYKTNEPVWEENF
TFFIHNPKRQDLEVEVRDEQHQCSLGNLKVPLSQLLTSEDMTVSQRFQLSNSGPNSTIKMKIALRVLHLEKRER
;
_entity_poly.pdbx_strand_id   A,B
#
loop_
_chem_comp.id
_chem_comp.type
_chem_comp.name
_chem_comp.formula
EGC non-polymer '2-(2-{2-[2-(2-{2-[2-(2-{2-[4-(1,1,3,3-TETRAMETHYL-BUTYL)-PHENOXY]-ETHOXY}-ETHOXY)-ETHOXY]-ETHOXY}-ETHOXY)-ETHOXY]-ETHOX Y}-ETHOXY)-ETHANOL' 'C32 H58 O10'
PEE non-polymer 1,2-dioleoyl-sn-glycero-3-phosphoethanolamine 'C41 H78 N O8 P'
#
# COMPACT_ATOMS: atom_id res chain seq x y z
N ASP A 3 2.79 28.65 -20.34
CA ASP A 3 1.37 28.76 -20.03
C ASP A 3 0.63 27.49 -20.47
N THR A 4 0.78 27.16 -21.75
CA THR A 4 0.18 25.95 -22.30
C THR A 4 1.28 25.05 -22.85
N GLU A 5 1.26 23.77 -22.47
CA GLU A 5 2.29 22.83 -22.91
C GLU A 5 1.76 21.74 -23.82
N ARG A 6 2.67 21.16 -24.62
CA ARG A 6 2.37 19.94 -25.37
C ARG A 6 2.82 18.74 -24.58
N ALA A 7 2.14 17.61 -24.80
CA ALA A 7 2.48 16.36 -24.15
C ALA A 7 2.38 15.21 -25.15
N GLU A 8 3.41 15.05 -25.97
CA GLU A 8 3.43 13.98 -26.97
C GLU A 8 3.50 12.62 -26.30
N TRP A 9 4.10 12.57 -25.11
CA TRP A 9 4.14 11.34 -24.34
C TRP A 9 2.72 10.92 -23.96
N LEU A 10 1.85 11.91 -23.77
CA LEU A 10 0.44 11.64 -23.49
C LEU A 10 -0.27 11.12 -24.74
N ASN A 11 0.13 11.63 -25.90
CA ASN A 11 -0.42 11.15 -27.18
C ASN A 11 -0.02 9.71 -27.47
N LYS A 12 1.23 9.38 -27.21
CA LYS A 12 1.71 8.02 -27.42
C LYS A 12 1.01 7.05 -26.47
N THR A 13 0.70 7.55 -25.27
CA THR A 13 -0.01 6.77 -24.27
C THR A 13 -1.43 6.44 -24.75
N VAL A 14 -2.12 7.45 -25.27
CA VAL A 14 -3.47 7.28 -25.78
C VAL A 14 -3.51 6.31 -26.96
N LYS A 15 -2.53 6.42 -27.85
CA LYS A 15 -2.44 5.56 -29.02
C LYS A 15 -2.26 4.09 -28.62
N HIS A 16 -1.43 3.85 -27.62
CA HIS A 16 -1.18 2.49 -27.13
C HIS A 16 -2.41 1.96 -26.42
N MET A 17 -3.16 2.85 -25.78
CA MET A 17 -4.37 2.49 -25.05
C MET A 17 -5.60 2.50 -25.96
N TRP A 18 -5.44 2.91 -27.20
CA TRP A 18 -6.57 3.19 -28.09
C TRP A 18 -7.59 2.06 -28.26
N PRO A 19 -7.16 0.80 -28.44
CA PRO A 19 -8.19 -0.23 -28.59
C PRO A 19 -9.05 -0.41 -27.34
N PHE A 20 -8.49 -0.08 -26.18
CA PHE A 20 -9.25 -0.16 -24.93
C PHE A 20 -10.16 1.04 -24.78
N ILE A 21 -9.71 2.19 -25.27
CA ILE A 21 -10.52 3.39 -25.30
C ILE A 21 -11.73 3.20 -26.22
N CYS A 22 -11.50 2.55 -27.36
CA CYS A 22 -12.57 2.26 -28.30
C CYS A 22 -13.63 1.38 -27.68
N GLN A 23 -13.20 0.44 -26.84
CA GLN A 23 -14.14 -0.41 -26.12
C GLN A 23 -15.01 0.43 -25.18
N PHE A 24 -14.42 1.41 -24.51
CA PHE A 24 -15.18 2.28 -23.62
C PHE A 24 -16.20 3.09 -24.40
N ILE A 25 -15.79 3.61 -25.56
CA ILE A 25 -16.68 4.40 -26.40
C ILE A 25 -17.89 3.58 -26.86
N GLU A 26 -17.64 2.32 -27.21
CA GLU A 26 -18.70 1.42 -27.64
C GLU A 26 -19.72 1.20 -26.52
N LYS A 27 -19.21 1.03 -25.30
CA LYS A 27 -20.07 0.86 -24.13
C LYS A 27 -20.88 2.14 -23.85
N LEU A 28 -20.22 3.30 -24.02
CA LEU A 28 -20.87 4.58 -23.84
C LEU A 28 -22.05 4.75 -24.79
N PHE A 29 -21.86 4.36 -26.05
CA PHE A 29 -22.90 4.48 -27.06
C PHE A 29 -24.12 3.60 -26.76
N ARG A 30 -23.87 2.38 -26.33
CA ARG A 30 -24.95 1.40 -26.16
C ARG A 30 -25.64 1.48 -24.80
N GLU A 31 -24.94 1.95 -23.78
CA GLU A 31 -25.49 1.94 -22.43
C GLU A 31 -25.82 3.34 -21.90
N THR A 32 -25.40 4.37 -22.61
CA THR A 32 -25.64 5.75 -22.17
C THR A 32 -26.31 6.59 -23.25
N ILE A 33 -25.71 6.62 -24.44
CA ILE A 33 -26.21 7.45 -25.53
C ILE A 33 -27.49 6.89 -26.15
N GLU A 34 -27.50 5.58 -26.42
CA GLU A 34 -28.67 4.95 -27.02
C GLU A 34 -29.93 5.08 -26.16
N PRO A 35 -29.85 4.82 -24.83
CA PRO A 35 -31.06 5.07 -24.03
C PRO A 35 -31.50 6.53 -24.04
N ALA A 36 -30.55 7.44 -24.19
CA ALA A 36 -30.86 8.87 -24.20
C ALA A 36 -31.63 9.26 -25.46
N VAL A 37 -31.24 8.70 -26.60
CA VAL A 37 -31.93 8.95 -27.85
C VAL A 37 -33.34 8.35 -27.83
N ARG A 38 -33.44 7.10 -27.38
CA ARG A 38 -34.69 6.36 -27.39
C ARG A 38 -35.74 7.06 -26.51
N GLY A 39 -35.28 7.72 -25.46
CA GLY A 39 -36.16 8.40 -24.53
C GLY A 39 -36.35 9.88 -24.82
N ALA A 40 -35.81 10.34 -25.95
CA ALA A 40 -35.86 11.76 -26.30
C ALA A 40 -37.10 12.17 -27.12
N ASN A 41 -37.70 11.20 -27.80
CA ASN A 41 -38.87 11.45 -28.64
C ASN A 41 -39.68 10.18 -28.81
N THR A 42 -41.01 10.29 -28.84
CA THR A 42 -41.86 9.11 -28.95
C THR A 42 -41.59 8.35 -30.24
N HIS A 43 -41.20 9.06 -31.30
CA HIS A 43 -40.91 8.43 -32.58
C HIS A 43 -39.54 7.76 -32.61
N LEU A 44 -38.74 8.00 -31.57
CA LEU A 44 -37.38 7.47 -31.52
C LEU A 44 -37.25 6.32 -30.52
N SER A 45 -38.37 5.81 -30.03
CA SER A 45 -38.35 4.74 -29.04
C SER A 45 -37.74 3.45 -29.60
N THR A 46 -37.82 3.26 -30.91
CA THR A 46 -37.26 2.06 -31.55
C THR A 46 -35.89 2.32 -32.17
N PHE A 47 -35.25 3.42 -31.78
CA PHE A 47 -33.90 3.75 -32.22
C PHE A 47 -32.89 2.76 -31.65
N SER A 48 -31.83 2.47 -32.41
CA SER A 48 -30.74 1.65 -31.91
C SER A 48 -29.47 1.81 -32.74
N PHE A 49 -28.32 1.65 -32.10
CA PHE A 49 -27.05 1.55 -32.81
C PHE A 49 -26.83 0.11 -33.24
N THR A 50 -26.56 -0.11 -34.52
CA THR A 50 -26.35 -1.47 -35.02
C THR A 50 -24.87 -1.79 -35.20
N LYS A 51 -24.04 -0.75 -35.23
CA LYS A 51 -22.58 -0.91 -35.32
C LYS A 51 -21.87 0.34 -34.83
N VAL A 52 -20.88 0.16 -33.96
CA VAL A 52 -20.10 1.29 -33.46
C VAL A 52 -18.60 1.03 -33.62
N ASP A 53 -18.05 1.53 -34.72
CA ASP A 53 -16.62 1.41 -35.00
C ASP A 53 -16.05 2.81 -35.20
N VAL A 54 -15.13 3.21 -34.32
CA VAL A 54 -14.61 4.57 -34.36
C VAL A 54 -13.23 4.63 -35.03
N GLY A 55 -12.78 3.50 -35.57
CA GLY A 55 -11.55 3.47 -36.35
C GLY A 55 -10.28 3.17 -35.57
N GLN A 56 -9.16 3.21 -36.27
CA GLN A 56 -7.87 2.86 -35.69
C GLN A 56 -7.00 4.09 -35.43
N GLN A 57 -7.51 5.27 -35.81
CA GLN A 57 -6.80 6.52 -35.57
C GLN A 57 -7.17 7.11 -34.22
N PRO A 58 -6.16 7.32 -33.37
CA PRO A 58 -6.32 7.78 -31.98
C PRO A 58 -6.64 9.27 -31.86
N LEU A 59 -7.16 9.64 -30.69
CA LEU A 59 -7.33 11.04 -30.30
C LEU A 59 -5.97 11.72 -30.25
N ARG A 60 -5.96 13.04 -30.43
CA ARG A 60 -4.72 13.79 -30.33
C ARG A 60 -4.86 14.91 -29.29
N ILE A 61 -3.87 15.03 -28.42
CA ILE A 61 -3.81 16.12 -27.45
C ILE A 61 -2.85 17.19 -27.96
N ASN A 62 -3.34 18.40 -28.19
CA ASN A 62 -2.51 19.46 -28.75
C ASN A 62 -2.05 20.49 -27.74
N GLY A 63 -2.65 20.47 -26.55
CA GLY A 63 -2.28 21.41 -25.50
C GLY A 63 -2.80 21.03 -24.13
N VAL A 64 -1.98 21.26 -23.11
CA VAL A 64 -2.40 21.01 -21.73
C VAL A 64 -2.12 22.22 -20.84
N LYS A 65 -3.13 22.66 -20.10
CA LYS A 65 -2.97 23.75 -19.15
C LYS A 65 -3.70 23.45 -17.84
N VAL A 66 -3.00 23.60 -16.72
CA VAL A 66 -3.64 23.52 -15.43
C VAL A 66 -4.36 24.83 -15.12
N TYR A 67 -5.65 24.73 -14.79
CA TYR A 67 -6.47 25.92 -14.55
C TYR A 67 -6.25 26.35 -13.11
N THR A 68 -5.85 27.60 -12.91
CA THR A 68 -5.41 28.04 -11.58
C THR A 68 -6.30 29.07 -10.88
N GLU A 69 -7.03 29.87 -11.66
CA GLU A 69 -7.83 30.93 -11.06
C GLU A 69 -9.17 30.42 -10.54
N ASN A 70 -9.58 30.95 -9.37
CA ASN A 70 -10.81 30.55 -8.69
C ASN A 70 -10.88 29.05 -8.41
N VAL A 71 -9.77 28.49 -7.95
CA VAL A 71 -9.67 27.04 -7.81
C VAL A 71 -9.84 26.55 -6.38
N ASP A 72 -10.86 25.73 -6.18
CA ASP A 72 -11.07 25.01 -4.93
C ASP A 72 -9.88 24.10 -4.68
N LYS A 73 -9.35 24.11 -3.46
CA LYS A 73 -8.22 23.26 -3.12
C LYS A 73 -8.58 21.78 -3.07
N ARG A 74 -9.85 21.47 -3.30
CA ARG A 74 -10.28 20.07 -3.28
C ARG A 74 -10.38 19.49 -4.69
N GLN A 75 -10.01 20.28 -5.71
CA GLN A 75 -10.09 19.81 -7.09
C GLN A 75 -8.90 20.28 -7.92
N ILE A 76 -8.58 19.52 -8.95
CA ILE A 76 -7.59 19.96 -9.94
C ILE A 76 -8.25 20.00 -11.32
N ILE A 77 -8.11 21.14 -11.98
CA ILE A 77 -8.76 21.38 -13.28
C ILE A 77 -7.76 21.34 -14.42
N LEU A 78 -8.00 20.46 -15.38
CA LEU A 78 -7.11 20.31 -16.53
C LEU A 78 -7.83 20.59 -17.85
N ASP A 79 -7.27 21.48 -18.66
CA ASP A 79 -7.81 21.80 -19.98
C ASP A 79 -7.01 21.13 -21.08
N LEU A 80 -7.65 20.23 -21.82
CA LEU A 80 -6.98 19.48 -22.89
C LEU A 80 -7.51 19.87 -24.26
N GLN A 81 -6.63 20.33 -25.13
CA GLN A 81 -7.01 20.63 -26.50
C GLN A 81 -7.10 19.35 -27.34
N ILE A 82 -8.31 19.01 -27.76
CA ILE A 82 -8.57 17.75 -28.44
C ILE A 82 -8.78 17.93 -29.95
N SER A 83 -8.17 17.05 -30.73
CA SER A 83 -8.42 16.97 -32.16
C SER A 83 -8.62 15.50 -32.57
N PHE A 84 -9.69 15.21 -33.29
CA PHE A 84 -9.92 13.88 -33.80
C PHE A 84 -10.36 13.91 -35.25
N VAL A 85 -9.56 13.32 -36.12
CA VAL A 85 -9.89 13.22 -37.53
C VAL A 85 -9.66 11.79 -38.00
N GLY A 86 -10.73 11.12 -38.41
CA GLY A 86 -10.63 9.74 -38.84
C GLY A 86 -11.89 9.17 -39.46
N ASN A 87 -11.73 8.13 -40.28
CA ASN A 87 -12.87 7.40 -40.82
C ASN A 87 -13.44 6.45 -39.78
N CYS A 88 -14.77 6.32 -39.78
CA CYS A 88 -15.44 5.48 -38.80
C CYS A 88 -16.65 4.77 -39.41
N GLU A 89 -17.37 4.03 -38.58
CA GLU A 89 -18.61 3.38 -39.00
C GLU A 89 -19.57 3.27 -37.83
N ILE A 90 -20.43 4.28 -37.68
CA ILE A 90 -21.47 4.27 -36.66
C ILE A 90 -22.84 4.19 -37.33
N ASP A 91 -23.45 3.01 -37.30
CA ASP A 91 -24.70 2.75 -38.02
C ASP A 91 -25.93 2.89 -37.11
N LEU A 92 -27.01 3.44 -37.66
CA LEU A 92 -28.24 3.64 -36.90
C LEU A 92 -29.40 2.85 -37.48
N GLU A 93 -30.44 2.68 -36.66
CA GLU A 93 -31.66 2.01 -37.09
C GLU A 93 -32.86 2.54 -36.31
N ILE A 94 -33.95 2.81 -37.02
CA ILE A 94 -35.24 3.09 -36.40
C ILE A 94 -36.26 2.07 -36.92
N LYS A 95 -36.46 1.01 -36.15
CA LYS A 95 -37.20 -0.17 -36.61
C LYS A 95 -38.65 0.15 -36.96
N ARG A 96 -39.24 1.11 -36.24
CA ARG A 96 -40.61 1.54 -36.50
C ARG A 96 -40.79 2.10 -37.92
N TYR A 97 -39.75 2.75 -38.42
CA TYR A 97 -39.81 3.33 -39.76
C TYR A 97 -38.90 2.62 -40.76
N PHE A 98 -38.29 1.52 -40.32
CA PHE A 98 -37.40 0.71 -41.16
C PHE A 98 -36.33 1.55 -41.85
N CYS A 99 -35.83 2.53 -41.11
CA CYS A 99 -34.86 3.49 -41.63
C CYS A 99 -33.45 3.18 -41.12
N ARG A 100 -32.49 3.18 -42.02
CA ARG A 100 -31.09 2.96 -41.66
C ARG A 100 -30.21 4.09 -42.16
N ALA A 101 -29.28 4.52 -41.32
CA ALA A 101 -28.32 5.55 -41.70
C ALA A 101 -27.01 5.33 -40.95
N GLY A 102 -25.95 5.98 -41.40
CA GLY A 102 -24.66 5.80 -40.77
C GLY A 102 -23.70 6.97 -40.90
N VAL A 103 -22.76 7.04 -39.98
CA VAL A 103 -21.68 8.02 -40.03
C VAL A 103 -20.40 7.38 -40.54
N LYS A 104 -19.84 7.92 -41.62
CA LYS A 104 -18.66 7.32 -42.23
C LYS A 104 -17.36 8.03 -41.87
N SER A 105 -17.47 9.25 -41.37
CA SER A 105 -16.28 10.01 -40.93
C SER A 105 -16.66 11.18 -40.03
N ILE A 106 -15.83 11.44 -39.02
CA ILE A 106 -16.08 12.57 -38.11
C ILE A 106 -14.83 13.42 -37.90
N GLN A 107 -15.05 14.70 -37.63
CA GLN A 107 -13.99 15.59 -37.14
C GLN A 107 -14.44 16.26 -35.86
N ILE A 108 -13.56 16.27 -34.86
CA ILE A 108 -13.85 16.90 -33.57
C ILE A 108 -12.69 17.78 -33.13
N HIS A 109 -12.96 19.07 -32.95
CA HIS A 109 -11.97 20.00 -32.44
C HIS A 109 -12.56 20.84 -31.32
N GLY A 110 -11.91 20.84 -30.16
CA GLY A 110 -12.38 21.61 -29.03
C GLY A 110 -11.58 21.38 -27.76
N THR A 111 -11.95 22.08 -26.70
CA THR A 111 -11.28 21.94 -25.42
C THR A 111 -12.05 21.03 -24.48
N MET A 112 -11.39 19.95 -24.06
CA MET A 112 -12.01 18.98 -23.17
C MET A 112 -11.50 19.19 -21.73
N ARG A 113 -12.43 19.32 -20.81
CA ARG A 113 -12.11 19.61 -19.41
C ARG A 113 -12.04 18.33 -18.58
N VAL A 114 -10.95 18.16 -17.84
CA VAL A 114 -10.81 17.03 -16.92
C VAL A 114 -10.64 17.53 -15.49
N ILE A 115 -11.62 17.22 -14.63
CA ILE A 115 -11.55 17.63 -13.24
C ILE A 115 -11.18 16.48 -12.33
N LEU A 116 -10.11 16.65 -11.56
CA LEU A 116 -9.69 15.65 -10.59
C LEU A 116 -10.30 15.97 -9.23
N GLU A 117 -11.31 15.21 -8.84
CA GLU A 117 -12.06 15.49 -7.62
C GLU A 117 -12.82 14.25 -7.17
N PRO A 118 -12.78 13.95 -5.86
CA PRO A 118 -12.06 14.72 -4.86
C PRO A 118 -10.63 14.25 -4.63
N LEU A 119 -9.79 15.15 -4.13
CA LEU A 119 -8.45 14.79 -3.73
C LEU A 119 -8.51 14.13 -2.37
N ILE A 120 -7.77 13.04 -2.19
CA ILE A 120 -7.80 12.29 -0.94
C ILE A 120 -6.40 12.05 -0.40
N GLY A 121 -6.32 11.86 0.92
CA GLY A 121 -5.04 11.71 1.60
C GLY A 121 -4.48 10.30 1.58
N ASP A 122 -4.72 9.61 0.47
CA ASP A 122 -4.22 8.26 0.26
C ASP A 122 -4.17 8.00 -1.23
N MET A 123 -3.36 7.04 -1.64
CA MET A 123 -3.31 6.65 -3.05
C MET A 123 -4.69 6.09 -3.41
N PRO A 124 -5.16 6.34 -4.64
CA PRO A 124 -4.51 7.02 -5.77
C PRO A 124 -4.62 8.55 -5.78
N LEU A 125 -4.86 9.15 -4.62
CA LEU A 125 -4.84 10.62 -4.46
C LEU A 125 -6.02 11.33 -5.14
N VAL A 126 -6.59 10.70 -6.16
CA VAL A 126 -7.74 11.24 -6.86
C VAL A 126 -8.91 10.28 -6.74
N GLY A 127 -10.04 10.78 -6.23
CA GLY A 127 -11.19 9.95 -6.00
C GLY A 127 -11.96 9.65 -7.26
N ALA A 128 -12.06 10.62 -8.15
CA ALA A 128 -12.80 10.46 -9.39
C ALA A 128 -12.36 11.45 -10.45
N LEU A 129 -12.73 11.15 -11.69
CA LEU A 129 -12.50 12.06 -12.81
C LEU A 129 -13.84 12.53 -13.36
N SER A 130 -13.92 13.80 -13.72
CA SER A 130 -15.12 14.33 -14.37
C SER A 130 -14.73 14.90 -15.72
N ILE A 131 -15.30 14.33 -16.79
CA ILE A 131 -14.90 14.69 -18.13
C ILE A 131 -16.05 15.27 -18.96
N PHE A 132 -15.81 16.45 -19.52
CA PHE A 132 -16.78 17.14 -20.37
C PHE A 132 -16.07 18.20 -21.20
N PHE A 133 -16.74 18.70 -22.24
CA PHE A 133 -16.15 19.76 -23.06
C PHE A 133 -16.50 21.10 -22.44
N LEU A 134 -15.54 22.03 -22.50
CA LEU A 134 -15.69 23.35 -21.91
C LEU A 134 -16.62 24.25 -22.73
N ARG A 135 -16.39 24.30 -24.04
CA ARG A 135 -17.33 24.91 -24.96
C ARG A 135 -17.83 23.88 -25.96
N LYS A 136 -18.87 24.23 -26.71
CA LYS A 136 -19.32 23.39 -27.82
C LYS A 136 -18.19 23.20 -28.82
N PRO A 137 -17.74 21.94 -28.98
CA PRO A 137 -16.68 21.60 -29.93
C PRO A 137 -17.12 21.77 -31.38
N LEU A 138 -16.19 22.14 -32.24
CA LEU A 138 -16.45 22.23 -33.67
C LEU A 138 -16.49 20.81 -34.23
N LEU A 139 -17.62 20.43 -34.81
CA LEU A 139 -17.81 19.07 -35.31
C LEU A 139 -18.14 19.01 -36.79
N GLU A 140 -17.60 18.00 -37.46
CA GLU A 140 -17.98 17.68 -38.82
C GLU A 140 -18.43 16.23 -38.87
N ILE A 141 -19.59 15.98 -39.47
CA ILE A 141 -20.12 14.63 -39.54
C ILE A 141 -20.61 14.32 -40.95
N ASN A 142 -20.04 13.28 -41.55
CA ASN A 142 -20.46 12.86 -42.88
C ASN A 142 -21.35 11.63 -42.80
N TRP A 143 -22.50 11.71 -43.44
CA TRP A 143 -23.53 10.68 -43.30
C TRP A 143 -23.72 9.85 -44.57
N THR A 144 -24.29 8.66 -44.39
CA THR A 144 -24.82 7.87 -45.50
C THR A 144 -26.31 7.65 -45.23
N GLY A 145 -27.15 8.11 -46.15
CA GLY A 145 -28.59 7.98 -46.01
C GLY A 145 -29.19 8.95 -45.00
N LEU A 146 -28.61 10.13 -44.91
CA LEU A 146 -29.10 11.17 -44.00
C LEU A 146 -30.51 11.61 -44.40
N THR A 147 -30.75 11.67 -45.70
CA THR A 147 -32.05 12.07 -46.23
C THR A 147 -33.16 11.14 -45.80
N ASN A 148 -32.82 9.87 -45.57
CA ASN A 148 -33.77 8.89 -45.05
C ASN A 148 -34.21 9.24 -43.64
N LEU A 149 -33.24 9.66 -42.82
CA LEU A 149 -33.51 10.02 -41.43
C LEU A 149 -34.41 11.25 -41.31
N LEU A 150 -34.27 12.19 -42.24
CA LEU A 150 -35.00 13.45 -42.14
C LEU A 150 -36.45 13.29 -42.60
N ASP A 151 -36.77 12.16 -43.21
CA ASP A 151 -38.14 11.89 -43.64
C ASP A 151 -38.90 11.17 -42.53
N VAL A 152 -38.15 10.69 -41.54
CA VAL A 152 -38.75 10.08 -40.36
C VAL A 152 -39.53 11.15 -39.62
N PRO A 153 -40.81 10.87 -39.33
CA PRO A 153 -41.71 11.81 -38.66
C PRO A 153 -41.18 12.35 -37.33
N GLY A 154 -40.27 11.64 -36.68
CA GLY A 154 -39.73 12.11 -35.42
C GLY A 154 -38.56 13.05 -35.61
N LEU A 155 -37.93 12.99 -36.78
CA LEU A 155 -36.83 13.88 -37.10
C LEU A 155 -37.22 14.82 -38.23
N ASN A 156 -38.47 14.70 -38.67
CA ASN A 156 -38.98 15.55 -39.74
C ASN A 156 -39.05 17.01 -39.29
N GLY A 157 -38.44 17.89 -40.08
CA GLY A 157 -38.41 19.31 -39.75
C GLY A 157 -37.03 19.70 -39.27
N LEU A 158 -36.24 18.68 -38.91
CA LEU A 158 -34.86 18.88 -38.50
C LEU A 158 -33.97 18.92 -39.73
N SER A 159 -32.75 19.41 -39.57
CA SER A 159 -31.81 19.44 -40.68
C SER A 159 -30.44 18.96 -40.22
N ASP A 160 -29.49 18.93 -41.15
CA ASP A 160 -28.13 18.51 -40.83
C ASP A 160 -27.51 19.43 -39.79
N THR A 161 -27.76 20.73 -39.93
CA THR A 161 -27.22 21.72 -39.02
C THR A 161 -27.77 21.53 -37.61
N ILE A 162 -29.09 21.35 -37.51
CA ILE A 162 -29.74 21.16 -36.22
C ILE A 162 -29.23 19.91 -35.51
N ILE A 163 -29.04 18.84 -36.28
CA ILE A 163 -28.54 17.60 -35.73
C ILE A 163 -27.11 17.77 -35.19
N LEU A 164 -26.28 18.52 -35.93
CA LEU A 164 -24.93 18.82 -35.49
C LEU A 164 -24.93 19.54 -34.13
N ASP A 165 -25.86 20.47 -33.95
CA ASP A 165 -25.95 21.22 -32.70
C ASP A 165 -26.33 20.32 -31.54
N ILE A 166 -27.31 19.45 -31.77
CA ILE A 166 -27.76 18.50 -30.75
C ILE A 166 -26.61 17.62 -30.26
N ILE A 167 -25.86 17.09 -31.21
CA ILE A 167 -24.70 16.24 -30.88
C ILE A 167 -23.62 17.06 -30.19
N SER A 168 -23.40 18.28 -30.68
CA SER A 168 -22.43 19.19 -30.08
C SER A 168 -22.81 19.54 -28.64
N ASN A 169 -24.09 19.81 -28.43
CA ASN A 169 -24.57 20.17 -27.10
C ASN A 169 -24.52 19.00 -26.13
N TYR A 170 -24.53 17.79 -26.66
CA TYR A 170 -24.51 16.59 -25.83
C TYR A 170 -23.16 16.42 -25.12
N LEU A 171 -22.13 17.08 -25.64
CA LEU A 171 -20.77 16.90 -25.13
C LEU A 171 -20.42 17.86 -23.99
N VAL A 172 -21.32 18.80 -23.68
CA VAL A 172 -21.05 19.79 -22.64
C VAL A 172 -22.04 19.70 -21.47
N LEU A 173 -21.76 20.44 -20.41
CA LEU A 173 -22.63 20.52 -19.22
C LEU A 173 -24.09 20.78 -19.56
N PRO A 174 -25.02 20.24 -18.75
CA PRO A 174 -24.79 19.48 -17.50
C PRO A 174 -24.33 18.04 -17.72
N ASN A 175 -24.21 17.61 -18.97
CA ASN A 175 -23.67 16.28 -19.26
C ASN A 175 -22.20 16.18 -18.91
N ARG A 176 -21.79 15.01 -18.39
CA ARG A 176 -20.40 14.77 -18.06
C ARG A 176 -20.13 13.28 -17.90
N ILE A 177 -18.88 12.88 -18.16
CA ILE A 177 -18.44 11.51 -17.91
C ILE A 177 -17.81 11.41 -16.53
N THR A 178 -18.40 10.58 -15.67
CA THR A 178 -17.88 10.40 -14.32
C THR A 178 -17.08 9.10 -14.19
N VAL A 179 -15.85 9.23 -13.73
CA VAL A 179 -14.95 8.08 -13.61
C VAL A 179 -14.43 7.92 -12.19
N PRO A 180 -15.15 7.13 -11.38
CA PRO A 180 -14.73 6.89 -9.99
C PRO A 180 -13.47 6.04 -9.91
N LEU A 181 -12.57 6.37 -8.99
CA LEU A 181 -11.33 5.61 -8.84
C LEU A 181 -11.30 4.90 -7.50
N VAL A 182 -12.12 5.41 -6.57
CA VAL A 182 -12.27 4.80 -5.26
C VAL A 182 -13.75 4.86 -4.87
N SER A 183 -14.22 3.85 -4.13
CA SER A 183 -15.61 3.82 -3.72
C SER A 183 -15.87 4.83 -2.60
N GLU A 184 -17.12 5.25 -2.46
CA GLU A 184 -17.52 6.18 -1.40
C GLU A 184 -17.25 5.59 -0.03
N VAL A 185 -17.36 4.26 0.06
CA VAL A 185 -17.10 3.54 1.30
C VAL A 185 -15.65 3.72 1.74
N GLN A 186 -14.73 3.58 0.79
CA GLN A 186 -13.31 3.74 1.06
C GLN A 186 -12.98 5.16 1.51
N ILE A 187 -13.58 6.15 0.84
CA ILE A 187 -13.33 7.55 1.17
C ILE A 187 -13.80 7.89 2.57
N ALA A 188 -14.99 7.40 2.94
CA ALA A 188 -15.57 7.65 4.25
C ALA A 188 -14.72 7.07 5.36
N GLN A 189 -14.22 5.86 5.16
CA GLN A 189 -13.38 5.20 6.15
C GLN A 189 -11.99 5.83 6.20
N LEU A 190 -11.56 6.37 5.07
CA LEU A 190 -10.26 7.03 4.99
C LEU A 190 -10.27 8.36 5.74
N ARG A 191 -11.39 9.09 5.66
CA ARG A 191 -11.48 10.39 6.30
C ARG A 191 -12.27 10.36 7.61
N PHE A 192 -12.77 9.19 7.98
CA PHE A 192 -13.52 9.09 9.24
C PHE A 192 -13.52 7.64 9.71
N PRO A 193 -12.34 7.11 10.06
CA PRO A 193 -12.35 5.69 10.43
C PRO A 193 -12.91 5.42 11.81
N VAL A 194 -13.81 4.45 11.90
CA VAL A 194 -14.32 3.98 13.17
C VAL A 194 -13.61 2.71 13.61
N PRO A 195 -13.10 2.69 14.85
CA PRO A 195 -12.51 1.48 15.41
C PRO A 195 -13.55 0.36 15.48
N LYS A 196 -13.15 -0.89 15.26
CA LYS A 196 -14.10 -1.98 15.42
C LYS A 196 -14.14 -2.40 16.89
N GLY A 197 -13.27 -1.79 17.70
CA GLY A 197 -13.24 -2.08 19.11
C GLY A 197 -12.13 -1.35 19.86
N VAL A 198 -12.21 -1.38 21.18
CA VAL A 198 -11.17 -0.83 22.04
C VAL A 198 -10.69 -1.88 23.03
N LEU A 199 -9.38 -2.10 23.07
CA LEU A 199 -8.79 -3.04 24.01
C LEU A 199 -8.26 -2.30 25.24
N ARG A 200 -8.86 -2.58 26.40
CA ARG A 200 -8.38 -2.01 27.66
C ARG A 200 -7.43 -2.99 28.34
N ILE A 201 -6.21 -2.52 28.58
CA ILE A 201 -5.15 -3.37 29.12
C ILE A 201 -4.81 -3.03 30.56
N HIS A 202 -5.13 -3.94 31.47
CA HIS A 202 -4.75 -3.77 32.87
C HIS A 202 -3.36 -4.36 33.09
N PHE A 203 -2.35 -3.50 33.02
CA PHE A 203 -0.95 -3.90 33.21
C PHE A 203 -0.65 -3.91 34.70
N ILE A 204 -1.02 -5.00 35.36
CA ILE A 204 -1.03 -5.03 36.82
C ILE A 204 0.35 -5.28 37.44
N GLU A 205 0.77 -6.54 37.41
CA GLU A 205 1.96 -6.97 38.14
C GLU A 205 2.72 -8.09 37.44
N ALA A 206 3.93 -8.38 37.91
CA ALA A 206 4.67 -9.56 37.46
C ALA A 206 5.28 -10.28 38.66
N GLN A 207 5.87 -11.45 38.44
CA GLN A 207 6.55 -12.19 39.50
C GLN A 207 7.76 -12.98 39.00
N ASP A 208 8.76 -13.12 39.86
CA ASP A 208 10.02 -13.82 39.54
C ASP A 208 10.63 -13.41 38.20
N LEU A 209 10.85 -12.10 38.04
CA LEU A 209 11.48 -11.62 36.82
C LEU A 209 12.99 -11.78 36.95
N GLN A 210 13.52 -12.82 36.30
CA GLN A 210 14.94 -13.09 36.37
C GLN A 210 15.52 -13.34 34.98
N GLY A 211 16.67 -12.73 34.72
CA GLY A 211 17.34 -12.89 33.43
C GLY A 211 17.88 -14.28 33.23
N LYS A 212 18.61 -14.48 32.13
CA LYS A 212 19.14 -15.79 31.80
C LYS A 212 20.65 -15.89 32.00
N ASP A 213 21.27 -14.77 32.37
CA ASP A 213 22.73 -14.69 32.49
C ASP A 213 23.31 -15.69 33.48
N THR A 214 22.88 -15.59 34.73
CA THR A 214 23.24 -16.53 35.80
C THR A 214 24.72 -16.51 36.21
N TYR A 215 25.62 -16.09 35.31
CA TYR A 215 27.04 -16.05 35.66
C TYR A 215 27.38 -14.85 36.55
N LEU A 216 27.77 -15.15 37.79
CA LEU A 216 28.12 -14.14 38.79
C LEU A 216 27.01 -13.12 38.99
N LYS A 217 25.80 -13.47 38.55
CA LYS A 217 24.64 -12.59 38.65
C LYS A 217 24.13 -12.54 40.09
N GLY A 218 24.17 -11.35 40.69
CA GLY A 218 23.75 -11.19 42.07
C GLY A 218 24.93 -10.92 42.99
N LEU A 219 26.13 -11.06 42.44
CA LEU A 219 27.34 -10.80 43.21
C LEU A 219 28.01 -9.51 42.74
N VAL A 220 27.54 -8.98 41.63
CA VAL A 220 28.04 -7.71 41.09
C VAL A 220 26.91 -6.73 40.86
N LYS A 221 25.81 -7.24 40.33
CA LYS A 221 24.64 -6.41 40.03
C LYS A 221 23.52 -6.65 41.05
N GLY A 222 22.75 -5.61 41.33
CA GLY A 222 21.62 -5.74 42.22
C GLY A 222 20.37 -6.19 41.50
N LYS A 223 19.22 -6.12 42.18
CA LYS A 223 17.95 -6.53 41.58
C LYS A 223 17.59 -5.64 40.40
N SER A 224 16.90 -6.23 39.43
CA SER A 224 16.46 -5.49 38.25
C SER A 224 15.45 -4.40 38.59
N ASP A 225 15.36 -3.40 37.72
CA ASP A 225 14.34 -2.35 37.85
C ASP A 225 13.35 -2.45 36.69
N PRO A 226 12.36 -3.35 36.82
CA PRO A 226 11.50 -3.74 35.69
C PRO A 226 10.49 -2.69 35.25
N TYR A 227 10.36 -2.54 33.94
CA TYR A 227 9.31 -1.73 33.33
C TYR A 227 8.82 -2.47 32.09
N GLY A 228 7.68 -2.05 31.56
CA GLY A 228 7.10 -2.72 30.41
C GLY A 228 6.87 -1.81 29.22
N ILE A 229 6.97 -2.38 28.03
CA ILE A 229 6.62 -1.67 26.81
C ILE A 229 5.50 -2.42 26.09
N ILE A 230 4.37 -1.75 25.91
CA ILE A 230 3.15 -2.38 25.43
C ILE A 230 2.70 -1.80 24.09
N ARG A 231 2.48 -2.68 23.10
CA ARG A 231 2.14 -2.24 21.75
C ARG A 231 0.87 -2.88 21.19
N VAL A 232 0.02 -2.04 20.61
CA VAL A 232 -1.11 -2.50 19.81
C VAL A 232 -1.09 -1.74 18.49
N GLY A 233 -0.54 -2.37 17.46
CA GLY A 233 -0.37 -1.71 16.18
C GLY A 233 0.66 -0.61 16.26
N ASN A 234 0.25 0.63 15.96
CA ASN A 234 1.15 1.78 16.06
C ASN A 234 1.07 2.45 17.42
N GLN A 235 0.20 1.95 18.27
CA GLN A 235 0.02 2.51 19.61
C GLN A 235 1.01 1.87 20.59
N ILE A 236 1.84 2.69 21.22
CA ILE A 236 2.84 2.19 22.16
C ILE A 236 2.69 2.83 23.55
N PHE A 237 2.70 1.98 24.57
CA PHE A 237 2.64 2.45 25.96
C PHE A 237 3.86 1.98 26.72
N GLN A 238 4.36 2.83 27.62
CA GLN A 238 5.50 2.46 28.46
C GLN A 238 5.21 2.71 29.92
N SER A 239 5.31 1.66 30.73
CA SER A 239 5.01 1.74 32.15
C SER A 239 6.12 2.46 32.91
N ARG A 240 5.86 2.73 34.20
CA ARG A 240 6.86 3.32 35.07
C ARG A 240 7.86 2.25 35.53
N VAL A 241 8.99 2.69 36.07
CA VAL A 241 9.98 1.75 36.55
C VAL A 241 9.80 1.49 38.04
N ILE A 242 9.75 0.22 38.41
CA ILE A 242 9.76 -0.18 39.81
C ILE A 242 11.17 -0.61 40.14
N LYS A 243 11.71 -0.12 41.26
CA LYS A 243 13.12 -0.34 41.55
C LYS A 243 13.37 -1.49 42.52
N GLU A 244 14.36 -2.31 42.18
CA GLU A 244 14.84 -3.41 43.03
C GLU A 244 13.72 -4.35 43.48
N ASN A 245 12.90 -4.77 42.53
CA ASN A 245 11.77 -5.65 42.80
C ASN A 245 11.60 -6.62 41.63
N LEU A 246 11.70 -7.92 41.90
CA LEU A 246 11.50 -8.92 40.86
C LEU A 246 10.05 -9.37 40.75
N SER A 247 9.19 -8.73 41.54
CA SER A 247 7.77 -9.04 41.55
C SER A 247 7.00 -7.72 41.68
N PRO A 248 7.15 -6.83 40.69
CA PRO A 248 6.64 -5.46 40.84
C PRO A 248 5.15 -5.31 40.54
N LYS A 249 4.56 -4.28 41.14
CA LYS A 249 3.16 -3.94 40.91
C LYS A 249 3.08 -2.59 40.23
N TRP A 250 2.71 -2.58 38.95
CA TRP A 250 2.59 -1.34 38.20
C TRP A 250 1.19 -0.75 38.38
N ASN A 251 0.19 -1.62 38.23
CA ASN A 251 -1.22 -1.23 38.32
C ASN A 251 -1.55 -0.06 37.42
N GLU A 252 -1.20 -0.18 36.15
CA GLU A 252 -1.49 0.85 35.17
C GLU A 252 -2.52 0.33 34.18
N VAL A 253 -3.20 1.25 33.51
CA VAL A 253 -4.23 0.89 32.54
C VAL A 253 -4.00 1.63 31.22
N TYR A 254 -4.04 0.89 30.13
CA TYR A 254 -3.91 1.49 28.80
C TYR A 254 -5.11 1.10 27.96
N GLU A 255 -5.63 2.07 27.21
CA GLU A 255 -6.73 1.83 26.29
C GLU A 255 -6.24 2.00 24.87
N ALA A 256 -6.45 0.98 24.04
CA ALA A 256 -5.92 0.99 22.69
C ALA A 256 -7.04 0.85 21.66
N LEU A 257 -6.94 1.64 20.60
CA LEU A 257 -7.89 1.57 19.50
C LEU A 257 -7.56 0.34 18.66
N VAL A 258 -8.57 -0.43 18.29
CA VAL A 258 -8.36 -1.56 17.39
C VAL A 258 -9.15 -1.41 16.10
N TYR A 259 -8.45 -1.25 14.99
CA TYR A 259 -9.10 -1.10 13.69
C TYR A 259 -9.19 -2.45 12.98
N GLU A 260 -9.12 -2.46 11.65
CA GLU A 260 -9.17 -3.71 10.93
C GLU A 260 -7.79 -4.08 10.38
N HIS A 261 -7.17 -5.06 11.01
CA HIS A 261 -5.91 -5.60 10.55
C HIS A 261 -5.92 -7.08 10.87
N PRO A 262 -5.54 -7.92 9.90
CA PRO A 262 -5.53 -9.33 10.24
C PRO A 262 -4.19 -9.68 10.89
N GLY A 263 -4.16 -10.69 11.75
CA GLY A 263 -2.88 -11.08 12.31
C GLY A 263 -2.42 -10.15 13.42
N GLN A 264 -3.21 -9.14 13.72
CA GLN A 264 -2.81 -8.13 14.71
C GLN A 264 -2.81 -8.74 16.11
N GLU A 265 -1.82 -8.34 16.90
CA GLU A 265 -1.63 -8.90 18.23
C GLU A 265 -1.32 -7.86 19.30
N LEU A 266 -1.42 -8.29 20.55
CA LEU A 266 -0.96 -7.50 21.68
C LEU A 266 0.47 -7.92 21.95
N GLU A 267 1.39 -6.96 21.98
CA GLU A 267 2.80 -7.25 22.20
C GLU A 267 3.33 -6.57 23.46
N ILE A 268 3.90 -7.36 24.36
CA ILE A 268 4.47 -6.81 25.57
C ILE A 268 5.89 -7.34 25.76
N GLU A 269 6.82 -6.45 26.10
CA GLU A 269 8.18 -6.84 26.41
C GLU A 269 8.63 -6.14 27.70
N LEU A 270 9.20 -6.91 28.61
CA LEU A 270 9.66 -6.37 29.90
C LEU A 270 11.17 -6.18 29.88
N PHE A 271 11.63 -5.09 30.50
CA PHE A 271 13.04 -4.75 30.48
C PHE A 271 13.55 -4.30 31.84
N ASP A 272 14.87 -4.22 31.96
CA ASP A 272 15.53 -3.68 33.14
C ASP A 272 15.98 -2.26 32.85
N GLU A 273 15.85 -1.39 33.85
CA GLU A 273 16.24 0.00 33.71
C GLU A 273 17.74 0.15 33.84
N ASP A 274 18.31 -0.41 34.90
CA ASP A 274 19.75 -0.39 35.15
C ASP A 274 20.37 -1.75 34.86
N PRO A 275 20.66 -2.05 33.58
CA PRO A 275 21.22 -3.39 33.31
C PRO A 275 22.71 -3.40 33.02
N ASP A 276 23.27 -4.60 32.93
CA ASP A 276 24.59 -4.79 32.35
C ASP A 276 24.39 -5.02 30.85
N LYS A 277 24.66 -6.23 30.38
CA LYS A 277 24.46 -6.55 28.97
C LYS A 277 23.13 -7.27 28.75
N ASP A 278 22.70 -8.01 29.77
CA ASP A 278 21.41 -8.71 29.71
C ASP A 278 20.29 -7.74 30.11
N ASP A 279 19.45 -7.40 29.15
CA ASP A 279 18.41 -6.39 29.33
C ASP A 279 16.99 -6.96 29.33
N PHE A 280 16.84 -8.12 28.71
CA PHE A 280 15.53 -8.74 28.49
C PHE A 280 15.00 -9.50 29.71
N LEU A 281 13.75 -9.24 30.08
CA LEU A 281 13.13 -9.90 31.23
C LEU A 281 11.91 -10.74 30.84
N GLY A 282 11.65 -10.85 29.54
CA GLY A 282 10.55 -11.68 29.07
C GLY A 282 9.54 -10.96 28.19
N SER A 283 8.85 -11.73 27.34
CA SER A 283 7.88 -11.16 26.41
C SER A 283 6.57 -11.93 26.42
N LEU A 284 5.51 -11.30 25.91
CA LEU A 284 4.20 -11.92 25.84
C LEU A 284 3.48 -11.44 24.58
N MET A 285 2.84 -12.37 23.88
CA MET A 285 2.11 -12.05 22.66
C MET A 285 0.75 -12.74 22.62
N ILE A 286 -0.30 -11.96 22.36
CA ILE A 286 -1.66 -12.50 22.31
C ILE A 286 -2.40 -12.01 21.07
N ASP A 287 -2.89 -12.95 20.27
CA ASP A 287 -3.68 -12.62 19.08
C ASP A 287 -4.98 -11.91 19.48
N LEU A 288 -5.27 -10.79 18.83
CA LEU A 288 -6.41 -9.97 19.23
C LEU A 288 -7.75 -10.62 18.89
N ILE A 289 -7.73 -11.59 17.97
CA ILE A 289 -8.95 -12.32 17.64
C ILE A 289 -9.38 -13.15 18.84
N GLU A 290 -8.41 -13.64 19.60
CA GLU A 290 -8.67 -14.46 20.78
C GLU A 290 -9.25 -13.64 21.91
N VAL A 291 -8.75 -12.42 22.07
CA VAL A 291 -9.24 -11.52 23.10
C VAL A 291 -10.66 -11.08 22.82
N GLU A 292 -10.95 -10.79 21.54
CA GLU A 292 -12.26 -10.35 21.11
C GLU A 292 -13.28 -11.46 21.38
N LYS A 293 -12.83 -12.71 21.24
CA LYS A 293 -13.65 -13.89 21.51
C LYS A 293 -14.05 -14.01 22.98
N GLU A 294 -13.05 -14.02 23.84
CA GLU A 294 -13.29 -14.17 25.28
C GLU A 294 -13.77 -12.89 25.96
N ARG A 295 -13.60 -11.75 25.28
CA ARG A 295 -14.12 -10.46 25.75
C ARG A 295 -13.47 -9.98 27.05
N LEU A 296 -13.52 -10.81 28.08
CA LEU A 296 -12.86 -10.49 29.34
C LEU A 296 -11.97 -11.65 29.79
N LEU A 297 -10.77 -11.33 30.29
CA LEU A 297 -9.89 -12.36 30.82
C LEU A 297 -8.99 -11.82 31.93
N ASP A 298 -8.75 -12.64 32.95
CA ASP A 298 -7.85 -12.29 34.03
C ASP A 298 -6.98 -13.50 34.37
N GLU A 299 -5.79 -13.54 33.79
CA GLU A 299 -4.89 -14.69 33.97
C GLU A 299 -3.45 -14.29 34.23
N TRP A 300 -2.68 -15.24 34.75
CA TRP A 300 -1.23 -15.12 34.81
C TRP A 300 -0.63 -15.80 33.59
N PHE A 301 0.25 -15.09 32.88
CA PHE A 301 0.89 -15.64 31.70
C PHE A 301 2.37 -15.89 31.92
N THR A 302 2.86 -17.02 31.42
CA THR A 302 4.29 -17.31 31.46
C THR A 302 5.00 -16.55 30.36
N LEU A 303 6.10 -15.88 30.72
CA LEU A 303 6.85 -15.08 29.77
C LEU A 303 7.73 -15.95 28.88
N ASP A 304 7.91 -15.53 27.63
CA ASP A 304 8.72 -16.29 26.68
C ASP A 304 10.17 -15.83 26.73
N GLU A 305 11.05 -16.65 26.15
CA GLU A 305 12.46 -16.34 26.01
C GLU A 305 13.13 -16.01 27.35
N VAL A 306 12.64 -16.64 28.41
CA VAL A 306 13.15 -16.41 29.76
C VAL A 306 12.87 -17.65 30.61
N PRO A 307 13.82 -18.01 31.50
CA PRO A 307 13.67 -19.21 32.34
C PRO A 307 12.53 -19.10 33.35
N LYS A 308 12.45 -17.97 34.04
CA LYS A 308 11.43 -17.75 35.07
C LYS A 308 10.82 -16.37 34.96
N GLY A 309 9.50 -16.30 34.97
CA GLY A 309 8.81 -15.02 34.90
C GLY A 309 7.35 -15.16 34.50
N LYS A 310 6.48 -14.49 35.24
CA LYS A 310 5.06 -14.49 34.96
C LYS A 310 4.51 -13.06 34.98
N LEU A 311 3.49 -12.82 34.14
CA LEU A 311 2.88 -11.50 34.03
C LEU A 311 1.37 -11.56 34.24
N HIS A 312 0.87 -10.71 35.14
CA HIS A 312 -0.55 -10.68 35.47
C HIS A 312 -1.26 -9.60 34.66
N LEU A 313 -2.24 -10.02 33.85
CA LEU A 313 -2.98 -9.09 33.01
C LEU A 313 -4.48 -9.26 33.17
N ARG A 314 -5.21 -8.17 32.97
CA ARG A 314 -6.66 -8.22 32.83
C ARG A 314 -7.02 -7.49 31.54
N LEU A 315 -7.58 -8.22 30.59
CA LEU A 315 -7.87 -7.66 29.28
C LEU A 315 -9.37 -7.57 29.01
N GLU A 316 -9.79 -6.45 28.45
CA GLU A 316 -11.20 -6.20 28.17
C GLU A 316 -11.40 -5.71 26.74
N TRP A 317 -12.25 -6.41 25.99
CA TRP A 317 -12.61 -5.96 24.65
C TRP A 317 -13.87 -5.12 24.72
N LEU A 318 -13.75 -3.83 24.38
CA LEU A 318 -14.87 -2.90 24.49
C LEU A 318 -15.56 -2.65 23.14
N THR A 319 -16.88 -2.72 23.14
CA THR A 319 -17.68 -2.52 21.93
C THR A 319 -18.11 -1.06 21.78
N LEU A 320 -18.06 -0.54 20.55
CA LEU A 320 -18.52 0.81 20.28
C LEU A 320 -20.02 0.86 20.02
N MET A 321 -20.75 1.55 20.89
CA MET A 321 -22.20 1.70 20.73
C MET A 321 -22.55 3.08 20.16
N PRO A 322 -23.45 3.12 19.16
CA PRO A 322 -23.87 4.37 18.53
C PRO A 322 -24.96 5.12 19.31
N ASN A 323 -25.33 4.62 20.48
CA ASN A 323 -26.29 5.30 21.34
C ASN A 323 -25.83 5.25 22.79
N ALA A 324 -26.58 5.90 23.67
CA ALA A 324 -26.16 6.03 25.07
C ALA A 324 -26.99 5.19 26.04
N SER A 325 -27.55 4.08 25.57
CA SER A 325 -28.42 3.25 26.40
C SER A 325 -27.69 2.59 27.57
N ASN A 326 -26.40 2.34 27.41
CA ASN A 326 -25.61 1.66 28.44
C ASN A 326 -24.70 2.58 29.24
N LEU A 327 -24.67 3.85 28.87
CA LEU A 327 -23.74 4.82 29.46
C LEU A 327 -23.81 4.88 30.99
N ASP A 328 -25.01 4.87 31.54
CA ASP A 328 -25.21 4.98 32.98
C ASP A 328 -24.53 3.82 33.73
N LYS A 329 -24.68 2.62 33.20
CA LYS A 329 -24.08 1.44 33.81
C LYS A 329 -22.58 1.42 33.55
N VAL A 330 -22.16 1.86 32.36
CA VAL A 330 -20.74 1.92 32.01
C VAL A 330 -20.01 2.83 33.00
N LEU A 331 -20.61 3.99 33.30
CA LEU A 331 -20.06 4.93 34.26
C LEU A 331 -19.97 4.31 35.65
N THR A 332 -21.00 3.57 36.03
CA THR A 332 -21.04 2.93 37.34
C THR A 332 -19.95 1.86 37.48
N ASP A 333 -19.73 1.10 36.41
CA ASP A 333 -18.77 0.00 36.44
C ASP A 333 -17.32 0.49 36.57
N ILE A 334 -17.02 1.63 35.97
CA ILE A 334 -15.65 2.14 36.00
C ILE A 334 -15.38 2.90 37.30
N GLY A 344 -8.33 6.50 35.55
CA GLY A 344 -8.54 7.21 34.31
C GLY A 344 -9.08 6.32 33.20
N LEU A 345 -10.20 5.66 33.48
CA LEU A 345 -10.84 4.79 32.48
C LEU A 345 -11.82 5.60 31.63
N SER A 346 -12.05 5.13 30.41
CA SER A 346 -12.92 5.84 29.47
C SER A 346 -14.26 5.15 29.33
N SER A 347 -15.33 5.95 29.25
CA SER A 347 -16.67 5.42 29.05
C SER A 347 -17.13 5.66 27.61
N ALA A 348 -16.39 6.50 26.89
CA ALA A 348 -16.78 6.86 25.54
C ALA A 348 -15.59 7.24 24.66
N LEU A 349 -15.84 7.37 23.36
CA LEU A 349 -14.81 7.69 22.39
C LEU A 349 -15.28 8.83 21.49
N LEU A 350 -14.41 9.79 21.23
CA LEU A 350 -14.74 10.91 20.34
C LEU A 350 -13.95 10.83 19.04
N ILE A 351 -14.65 10.85 17.90
CA ILE A 351 -13.99 10.84 16.60
C ILE A 351 -14.19 12.15 15.85
N LEU A 352 -13.09 12.81 15.50
CA LEU A 352 -13.14 14.14 14.87
C LEU A 352 -12.58 14.18 13.44
N TYR A 353 -13.38 14.71 12.52
CA TYR A 353 -12.88 15.02 11.19
C TYR A 353 -12.75 16.53 11.03
N LEU A 354 -11.52 17.00 10.92
CA LEU A 354 -11.26 18.43 10.72
C LEU A 354 -11.19 18.77 9.24
N ASP A 355 -12.27 19.37 8.73
CA ASP A 355 -12.37 19.67 7.31
C ASP A 355 -11.58 20.92 6.92
N SER A 356 -12.06 22.09 7.33
CA SER A 356 -11.48 23.36 6.90
C SER A 356 -11.98 24.53 7.74
N ALA A 357 -11.53 25.73 7.37
CA ALA A 357 -11.97 26.95 8.04
C ALA A 357 -12.07 28.09 7.03
N ARG A 358 -12.87 29.11 7.36
CA ARG A 358 -13.04 30.25 6.47
C ARG A 358 -13.02 31.59 7.19
N ASN A 359 -12.66 32.64 6.45
CA ASN A 359 -12.69 34.01 6.93
C ASN A 359 -11.90 34.26 8.21
N LEU A 360 -10.76 33.59 8.34
CA LEU A 360 -9.88 33.81 9.49
C LEU A 360 -9.33 35.24 9.48
N PRO A 361 -9.11 35.81 10.67
CA PRO A 361 -8.57 37.17 10.83
C PRO A 361 -7.24 37.37 10.09
N SER A 362 -7.18 38.40 9.26
CA SER A 362 -5.98 38.72 8.50
C SER A 362 -6.01 40.17 8.02
N SER A 367 -0.35 38.42 1.82
CA SER A 367 0.85 38.53 2.64
C SER A 367 0.48 38.80 4.10
N SER A 368 -0.73 39.29 4.31
CA SER A 368 -1.24 39.55 5.66
C SER A 368 -1.92 38.31 6.22
N ASN A 369 -1.97 37.25 5.41
CA ASN A 369 -2.61 36.01 5.82
C ASN A 369 -1.78 35.22 6.83
N PRO A 370 -2.47 34.57 7.80
CA PRO A 370 -1.83 33.82 8.88
C PRO A 370 -1.40 32.41 8.44
N ASN A 371 -0.72 31.70 9.34
CA ASN A 371 -0.41 30.30 9.13
C ASN A 371 -1.19 29.43 10.12
N PRO A 372 -2.44 29.08 9.75
CA PRO A 372 -3.43 28.44 10.64
C PRO A 372 -3.07 27.02 11.07
N VAL A 373 -3.16 26.76 12.38
CA VAL A 373 -3.06 25.42 12.92
C VAL A 373 -4.16 25.24 13.98
N VAL A 374 -4.72 24.02 14.06
CA VAL A 374 -5.83 23.77 14.96
C VAL A 374 -5.41 22.96 16.18
N GLN A 375 -5.77 23.46 17.36
CA GLN A 375 -5.56 22.76 18.62
C GLN A 375 -6.89 22.24 19.18
N MET A 376 -6.93 20.97 19.54
CA MET A 376 -8.13 20.32 20.07
C MET A 376 -7.83 19.71 21.43
N SER A 377 -8.76 19.81 22.37
CA SER A 377 -8.52 19.27 23.69
C SER A 377 -9.79 18.80 24.40
N VAL A 378 -9.65 17.71 25.16
CA VAL A 378 -10.68 17.26 26.08
C VAL A 378 -10.04 17.16 27.47
N GLY A 379 -10.05 18.27 28.20
CA GLY A 379 -9.45 18.32 29.51
C GLY A 379 -7.96 18.57 29.41
N HIS A 380 -7.17 17.52 29.61
CA HIS A 380 -5.72 17.62 29.63
C HIS A 380 -5.19 17.06 28.32
N LYS A 381 -5.93 16.11 27.75
CA LYS A 381 -5.54 15.47 26.50
C LYS A 381 -5.65 16.44 25.34
N ALA A 382 -4.54 16.69 24.65
CA ALA A 382 -4.52 17.58 23.51
C ALA A 382 -3.95 16.94 22.25
N GLN A 383 -4.51 17.30 21.09
CA GLN A 383 -3.96 16.88 19.80
C GLN A 383 -3.89 18.09 18.88
N GLU A 384 -2.99 18.04 17.90
CA GLU A 384 -2.78 19.17 17.01
C GLU A 384 -2.79 18.75 15.54
N SER A 385 -3.33 19.61 14.68
CA SER A 385 -3.34 19.37 13.25
C SER A 385 -2.02 19.78 12.61
N LYS A 386 -1.92 19.62 11.29
CA LYS A 386 -0.77 20.11 10.55
C LYS A 386 -0.89 21.62 10.37
N ILE A 387 0.21 22.25 9.95
CA ILE A 387 0.22 23.69 9.76
C ILE A 387 -0.04 24.06 8.30
N ARG A 388 -1.00 24.96 8.09
CA ARG A 388 -1.24 25.55 6.78
C ARG A 388 -0.55 26.91 6.74
N TYR A 389 -0.21 27.39 5.55
CA TYR A 389 0.62 28.59 5.44
C TYR A 389 0.02 29.67 4.53
N LYS A 390 0.00 30.90 5.02
CA LYS A 390 -0.43 32.06 4.26
C LYS A 390 -1.84 31.93 3.67
N THR A 391 -2.80 31.56 4.50
CA THR A 391 -4.17 31.39 4.06
C THR A 391 -5.16 31.73 5.17
N ASN A 392 -6.28 32.32 4.80
CA ASN A 392 -7.36 32.55 5.74
C ASN A 392 -8.48 31.56 5.50
N GLU A 393 -8.25 30.65 4.56
CA GLU A 393 -9.21 29.59 4.26
C GLU A 393 -8.49 28.24 4.16
N PRO A 394 -7.94 27.75 5.28
CA PRO A 394 -7.13 26.54 5.29
C PRO A 394 -7.94 25.26 5.16
N VAL A 395 -7.40 24.30 4.43
CA VAL A 395 -8.04 23.00 4.26
C VAL A 395 -7.14 21.89 4.82
N TRP A 396 -7.67 21.13 5.77
CA TRP A 396 -6.89 20.07 6.42
C TRP A 396 -7.32 18.67 5.99
N GLU A 397 -8.60 18.37 6.19
CA GLU A 397 -9.14 17.03 5.95
C GLU A 397 -8.37 15.98 6.75
N GLU A 398 -8.28 16.18 8.07
CA GLU A 398 -7.52 15.30 8.94
C GLU A 398 -8.36 14.66 10.03
N ASN A 399 -7.92 13.50 10.51
CA ASN A 399 -8.65 12.70 11.50
C ASN A 399 -8.01 12.74 12.89
N PHE A 400 -8.85 12.81 13.92
CA PHE A 400 -8.39 12.79 15.29
C PHE A 400 -9.35 12.01 16.18
N THR A 401 -8.81 11.23 17.12
CA THR A 401 -9.63 10.43 18.02
C THR A 401 -9.29 10.69 19.48
N PHE A 402 -10.32 10.85 20.32
CA PHE A 402 -10.13 11.15 21.74
C PHE A 402 -10.83 10.16 22.66
N PHE A 403 -10.11 9.65 23.65
CA PHE A 403 -10.74 8.84 24.70
C PHE A 403 -11.41 9.76 25.71
N ILE A 404 -12.61 9.37 26.15
CA ILE A 404 -13.44 10.23 26.99
C ILE A 404 -13.86 9.57 28.29
N HIS A 405 -13.54 10.22 29.41
CA HIS A 405 -13.92 9.71 30.73
C HIS A 405 -15.42 9.79 30.97
N ASN A 406 -16.00 10.97 30.81
CA ASN A 406 -17.42 11.17 31.07
C ASN A 406 -18.00 12.24 30.15
N PRO A 407 -18.75 11.82 29.12
CA PRO A 407 -19.31 12.73 28.12
C PRO A 407 -20.42 13.61 28.69
N LYS A 408 -20.89 13.30 29.89
CA LYS A 408 -21.90 14.13 30.54
C LYS A 408 -21.32 15.41 31.12
N ARG A 409 -20.01 15.40 31.39
CA ARG A 409 -19.38 16.51 32.08
C ARG A 409 -18.26 17.18 31.31
N GLN A 410 -17.80 16.56 30.22
CA GLN A 410 -16.63 17.07 29.53
C GLN A 410 -16.97 17.82 28.24
N ASP A 411 -16.10 18.76 27.88
CA ASP A 411 -16.28 19.55 26.68
C ASP A 411 -15.16 19.31 25.69
N LEU A 412 -15.50 19.40 24.41
CA LEU A 412 -14.47 19.48 23.37
C LEU A 412 -14.15 20.96 23.13
N GLU A 413 -12.89 21.31 23.24
CA GLU A 413 -12.46 22.67 22.92
C GLU A 413 -11.58 22.68 21.68
N VAL A 414 -12.00 23.45 20.68
CA VAL A 414 -11.23 23.60 19.45
C VAL A 414 -10.70 25.02 19.32
N GLU A 415 -9.40 25.16 19.10
CA GLU A 415 -8.77 26.46 18.98
C GLU A 415 -7.90 26.59 17.73
N VAL A 416 -8.19 27.59 16.91
CA VAL A 416 -7.40 27.87 15.71
C VAL A 416 -6.33 28.91 16.05
N ARG A 417 -5.07 28.55 15.77
CA ARG A 417 -3.94 29.41 16.10
C ARG A 417 -3.14 29.82 14.88
N ASP A 418 -2.46 30.96 14.97
CA ASP A 418 -1.52 31.39 13.95
C ASP A 418 -0.10 31.07 14.42
N GLU A 419 0.59 30.17 13.71
CA GLU A 419 1.92 29.77 14.14
C GLU A 419 2.94 30.88 13.96
N GLN A 420 2.65 31.82 13.06
CA GLN A 420 3.57 32.91 12.75
C GLN A 420 3.67 33.90 13.91
N HIS A 421 2.53 34.43 14.35
CA HIS A 421 2.51 35.40 15.42
C HIS A 421 2.26 34.74 16.77
N GLN A 422 2.10 33.42 16.74
CA GLN A 422 1.91 32.61 17.95
C GLN A 422 0.78 33.13 18.82
N CYS A 423 -0.40 33.25 18.23
CA CYS A 423 -1.57 33.76 18.93
C CYS A 423 -2.83 33.04 18.49
N SER A 424 -3.94 33.30 19.17
CA SER A 424 -5.20 32.65 18.85
C SER A 424 -5.96 33.40 17.75
N LEU A 425 -6.57 32.64 16.86
CA LEU A 425 -7.38 33.22 15.77
C LEU A 425 -8.86 32.96 16.01
N GLY A 426 -9.17 32.27 17.10
CA GLY A 426 -10.54 31.94 17.43
C GLY A 426 -10.67 30.60 18.13
N ASN A 427 -11.80 30.40 18.80
CA ASN A 427 -12.04 29.13 19.51
C ASN A 427 -13.49 28.67 19.46
N LEU A 428 -13.68 27.39 19.76
CA LEU A 428 -14.99 26.75 19.75
C LEU A 428 -15.14 25.80 20.93
N LYS A 429 -16.30 25.85 21.57
CA LYS A 429 -16.60 24.95 22.68
C LYS A 429 -17.80 24.08 22.35
N VAL A 430 -17.62 22.76 22.43
CA VAL A 430 -18.72 21.83 22.17
C VAL A 430 -18.94 20.89 23.36
N PRO A 431 -20.03 21.11 24.11
CA PRO A 431 -20.38 20.18 25.19
C PRO A 431 -20.69 18.80 24.62
N LEU A 432 -20.06 17.77 25.18
CA LEU A 432 -20.26 16.41 24.69
C LEU A 432 -21.68 15.91 25.01
N SER A 433 -22.35 16.58 25.94
CA SER A 433 -23.73 16.24 26.27
C SER A 433 -24.66 16.54 25.10
N GLN A 434 -24.24 17.50 24.26
CA GLN A 434 -24.97 17.82 23.03
C GLN A 434 -24.98 16.64 22.05
N LEU A 435 -23.89 15.88 22.02
CA LEU A 435 -23.79 14.73 21.14
C LEU A 435 -24.65 13.57 21.63
N LEU A 436 -24.77 13.44 22.94
CA LEU A 436 -25.53 12.36 23.55
C LEU A 436 -26.98 12.31 23.04
N THR A 437 -27.53 13.48 22.73
CA THR A 437 -28.93 13.57 22.30
C THR A 437 -29.08 13.71 20.78
N SER A 438 -27.97 13.64 20.06
CA SER A 438 -28.00 13.75 18.60
C SER A 438 -28.11 12.38 17.94
N GLU A 439 -28.66 12.34 16.73
CA GLU A 439 -28.82 11.07 16.01
C GLU A 439 -27.45 10.50 15.62
N ASP A 440 -27.27 9.22 15.89
CA ASP A 440 -25.98 8.54 15.77
C ASP A 440 -24.90 9.22 16.62
N MET A 441 -25.34 10.08 17.54
CA MET A 441 -24.45 10.84 18.41
C MET A 441 -23.39 11.57 17.60
N THR A 442 -23.81 12.08 16.45
CA THR A 442 -22.91 12.75 15.52
C THR A 442 -23.42 14.13 15.16
N VAL A 443 -22.50 15.08 15.01
CA VAL A 443 -22.83 16.40 14.50
C VAL A 443 -21.84 16.77 13.39
N SER A 444 -22.38 17.13 12.24
CA SER A 444 -21.55 17.49 11.09
C SER A 444 -22.05 18.80 10.50
N GLN A 445 -21.27 19.86 10.67
CA GLN A 445 -21.69 21.17 10.22
C GLN A 445 -20.54 22.17 10.18
N ARG A 446 -20.87 23.41 9.83
CA ARG A 446 -19.92 24.52 9.86
C ARG A 446 -20.18 25.41 11.08
N PHE A 447 -19.32 25.28 12.10
CA PHE A 447 -19.45 26.01 13.35
C PHE A 447 -18.94 27.46 13.27
N GLN A 448 -19.53 28.35 14.06
CA GLN A 448 -19.03 29.71 14.19
C GLN A 448 -17.90 29.78 15.22
N LEU A 449 -16.84 30.52 14.89
CA LEU A 449 -15.71 30.69 15.82
C LEU A 449 -15.89 31.92 16.69
N SER A 450 -15.74 31.74 18.00
CA SER A 450 -15.80 32.84 18.95
C SER A 450 -14.45 33.52 19.10
N ASN A 451 -14.46 34.78 19.52
CA ASN A 451 -13.25 35.57 19.72
C ASN A 451 -12.39 35.58 18.46
N SER A 452 -13.06 35.76 17.32
CA SER A 452 -12.43 35.71 16.02
C SER A 452 -12.93 36.87 15.17
N GLY A 453 -12.97 36.67 13.86
CA GLY A 453 -13.59 37.65 12.98
C GLY A 453 -15.10 37.56 13.12
N PRO A 454 -15.81 38.52 12.53
CA PRO A 454 -17.28 38.54 12.59
C PRO A 454 -17.94 37.36 11.88
N ASN A 455 -17.29 36.82 10.85
CA ASN A 455 -17.86 35.71 10.09
C ASN A 455 -16.91 34.51 9.94
N SER A 456 -16.02 34.35 10.92
CA SER A 456 -15.06 33.24 10.91
C SER A 456 -15.74 31.91 11.28
N THR A 457 -15.51 30.89 10.46
CA THR A 457 -16.12 29.58 10.70
C THR A 457 -15.12 28.44 10.59
N ILE A 458 -15.46 27.30 11.20
CA ILE A 458 -14.69 26.07 11.05
C ILE A 458 -15.65 24.91 10.79
N LYS A 459 -15.32 24.08 9.80
CA LYS A 459 -16.18 22.95 9.42
C LYS A 459 -15.65 21.64 9.97
N MET A 460 -16.49 20.95 10.75
CA MET A 460 -16.08 19.70 11.38
C MET A 460 -17.19 18.64 11.38
N LYS A 461 -16.79 17.38 11.50
CA LYS A 461 -17.71 16.29 11.79
C LYS A 461 -17.32 15.66 13.12
N ILE A 462 -18.25 15.69 14.08
CA ILE A 462 -17.98 15.19 15.43
C ILE A 462 -18.89 14.01 15.76
N ALA A 463 -18.31 12.88 16.16
CA ALA A 463 -19.10 11.69 16.49
C ALA A 463 -18.67 11.07 17.80
N LEU A 464 -19.62 10.49 18.52
CA LEU A 464 -19.36 9.87 19.81
C LEU A 464 -19.78 8.40 19.82
N ARG A 465 -18.97 7.58 20.47
CA ARG A 465 -19.31 6.17 20.66
C ARG A 465 -19.11 5.79 22.12
N VAL A 466 -20.09 5.11 22.70
CA VAL A 466 -19.99 4.64 24.07
C VAL A 466 -19.25 3.30 24.12
N LEU A 467 -18.30 3.19 25.05
CA LEU A 467 -17.52 1.98 25.22
C LEU A 467 -18.14 1.04 26.24
N HIS A 468 -18.67 -0.08 25.76
CA HIS A 468 -19.36 -1.04 26.62
C HIS A 468 -18.77 -2.44 26.52
N LEU A 469 -18.60 -3.10 27.67
CA LEU A 469 -18.11 -4.47 27.71
C LEU A 469 -19.23 -5.49 27.55
N GLU A 470 -19.13 -6.35 26.55
CA GLU A 470 -20.17 -7.33 26.26
C GLU A 470 -19.64 -8.75 26.46
N THR B 4 12.63 12.89 -24.48
CA THR B 4 12.20 13.30 -23.14
C THR B 4 11.56 14.69 -23.16
N GLU B 5 10.38 14.80 -22.55
CA GLU B 5 9.64 16.05 -22.53
C GLU B 5 9.52 16.61 -21.12
N ARG B 6 9.28 17.91 -21.02
CA ARG B 6 8.97 18.53 -19.75
C ARG B 6 7.46 18.57 -19.53
N ALA B 7 7.06 18.53 -18.27
CA ALA B 7 5.64 18.60 -17.90
C ALA B 7 5.47 19.49 -16.67
N GLU B 8 5.49 20.80 -16.88
CA GLU B 8 5.33 21.73 -15.77
C GLU B 8 3.91 21.67 -15.23
N TRP B 9 2.95 21.34 -16.09
CA TRP B 9 1.58 21.16 -15.65
C TRP B 9 1.48 20.00 -14.67
N LEU B 10 2.35 19.01 -14.83
CA LEU B 10 2.43 17.90 -13.89
C LEU B 10 3.03 18.37 -12.56
N ASN B 11 3.97 19.30 -12.63
CA ASN B 11 4.56 19.87 -11.43
C ASN B 11 3.54 20.68 -10.62
N LYS B 12 2.74 21.48 -11.33
CA LYS B 12 1.69 22.26 -10.69
C LYS B 12 0.64 21.35 -10.09
N THR B 13 0.39 20.22 -10.76
CA THR B 13 -0.55 19.23 -10.27
C THR B 13 -0.05 18.60 -8.98
N VAL B 14 1.24 18.23 -8.97
CA VAL B 14 1.87 17.66 -7.79
C VAL B 14 1.85 18.68 -6.64
N LYS B 15 2.14 19.94 -6.98
CA LYS B 15 2.18 21.01 -5.99
C LYS B 15 0.83 21.19 -5.31
N HIS B 16 -0.24 21.12 -6.10
CA HIS B 16 -1.60 21.25 -5.58
C HIS B 16 -1.97 20.01 -4.76
N MET B 17 -1.42 18.86 -5.13
CA MET B 17 -1.69 17.60 -4.44
C MET B 17 -0.81 17.37 -3.22
N TRP B 18 0.17 18.24 -3.01
CA TRP B 18 1.23 17.99 -2.03
C TRP B 18 0.75 17.64 -0.61
N PRO B 19 -0.23 18.39 -0.05
CA PRO B 19 -0.64 17.99 1.31
C PRO B 19 -1.30 16.61 1.37
N PHE B 20 -1.88 16.16 0.27
CA PHE B 20 -2.50 14.84 0.20
C PHE B 20 -1.44 13.77 0.00
N ILE B 21 -0.39 14.10 -0.74
CA ILE B 21 0.75 13.22 -0.92
C ILE B 21 1.46 13.01 0.41
N CYS B 22 1.60 14.09 1.17
CA CYS B 22 2.23 14.03 2.49
C CYS B 22 1.44 13.14 3.44
N GLN B 23 0.11 13.18 3.32
CA GLN B 23 -0.73 12.30 4.12
C GLN B 23 -0.49 10.84 3.77
N PHE B 24 -0.34 10.56 2.48
CA PHE B 24 -0.06 9.20 2.03
C PHE B 24 1.30 8.72 2.52
N ILE B 25 2.30 9.59 2.44
CA ILE B 25 3.65 9.26 2.86
C ILE B 25 3.67 8.88 4.34
N GLU B 26 2.94 9.65 5.15
CA GLU B 26 2.84 9.37 6.58
C GLU B 26 2.22 7.99 6.81
N LYS B 27 1.19 7.67 6.04
CA LYS B 27 0.54 6.36 6.12
C LYS B 27 1.49 5.26 5.68
N LEU B 28 2.26 5.53 4.62
CA LEU B 28 3.25 4.59 4.12
C LEU B 28 4.28 4.27 5.20
N PHE B 29 4.76 5.31 5.88
CA PHE B 29 5.77 5.17 6.92
C PHE B 29 5.27 4.37 8.12
N ARG B 30 4.04 4.62 8.53
CA ARG B 30 3.52 4.04 9.77
C ARG B 30 2.91 2.66 9.56
N GLU B 31 2.40 2.39 8.36
CA GLU B 31 1.69 1.14 8.11
C GLU B 31 2.45 0.15 7.23
N THR B 32 3.54 0.60 6.62
CA THR B 32 4.32 -0.28 5.74
C THR B 32 5.80 -0.31 6.12
N ILE B 33 6.41 0.86 6.25
CA ILE B 33 7.84 0.96 6.54
C ILE B 33 8.18 0.57 7.97
N GLU B 34 7.39 1.07 8.93
CA GLU B 34 7.63 0.76 10.34
C GLU B 34 7.59 -0.75 10.65
N PRO B 35 6.58 -1.49 10.15
CA PRO B 35 6.63 -2.94 10.41
C PRO B 35 7.85 -3.62 9.80
N ALA B 36 8.34 -3.08 8.68
CA ALA B 36 9.50 -3.65 8.01
C ALA B 36 10.78 -3.43 8.83
N VAL B 37 10.91 -2.25 9.44
CA VAL B 37 12.05 -1.95 10.28
C VAL B 37 12.04 -2.82 11.53
N ARG B 38 10.87 -2.91 12.16
CA ARG B 38 10.72 -3.64 13.42
C ARG B 38 11.00 -5.14 13.29
N GLY B 39 10.68 -5.71 12.14
CA GLY B 39 10.80 -7.15 11.96
C GLY B 39 12.12 -7.60 11.37
N ALA B 40 13.05 -6.68 11.22
CA ALA B 40 14.34 -6.99 10.63
C ALA B 40 15.34 -7.42 11.69
N ASN B 41 15.07 -7.02 12.94
CA ASN B 41 15.95 -7.35 14.05
C ASN B 41 15.18 -7.33 15.36
N THR B 42 15.46 -8.30 16.23
CA THR B 42 14.74 -8.42 17.50
C THR B 42 14.90 -7.19 18.39
N HIS B 43 16.04 -6.51 18.24
CA HIS B 43 16.32 -5.30 19.02
C HIS B 43 15.54 -4.09 18.52
N LEU B 44 14.84 -4.26 17.39
CA LEU B 44 14.08 -3.18 16.78
C LEU B 44 12.58 -3.33 17.00
N SER B 45 12.17 -4.25 17.88
CA SER B 45 10.75 -4.51 18.10
C SER B 45 10.01 -3.30 18.69
N THR B 46 10.72 -2.44 19.41
CA THR B 46 10.09 -1.25 19.99
C THR B 46 10.32 0.00 19.15
N PHE B 47 10.77 -0.19 17.91
CA PHE B 47 10.95 0.93 16.98
C PHE B 47 9.60 1.53 16.59
N SER B 48 9.58 2.86 16.39
CA SER B 48 8.41 3.54 15.85
C SER B 48 8.78 4.93 15.34
N PHE B 49 8.05 5.39 14.32
CA PHE B 49 8.15 6.76 13.89
C PHE B 49 7.25 7.62 14.75
N THR B 50 7.81 8.68 15.33
CA THR B 50 7.05 9.56 16.21
C THR B 50 6.60 10.82 15.50
N LYS B 51 7.22 11.11 14.36
CA LYS B 51 6.84 12.24 13.55
C LYS B 51 7.33 12.05 12.12
N VAL B 52 6.44 12.27 11.15
CA VAL B 52 6.81 12.16 9.75
C VAL B 52 6.39 13.43 9.02
N ASP B 53 7.32 14.37 8.90
CA ASP B 53 7.09 15.63 8.22
C ASP B 53 8.11 15.83 7.12
N VAL B 54 7.65 15.86 5.86
CA VAL B 54 8.57 15.94 4.73
C VAL B 54 8.66 17.37 4.17
N GLY B 55 8.05 18.32 4.84
CA GLY B 55 8.19 19.72 4.47
C GLY B 55 7.14 20.22 3.50
N GLN B 56 7.27 21.48 3.09
CA GLN B 56 6.25 22.11 2.24
C GLN B 56 6.68 22.25 0.79
N GLN B 57 7.92 21.88 0.48
CA GLN B 57 8.39 21.93 -0.90
C GLN B 57 8.14 20.60 -1.58
N PRO B 58 7.36 20.60 -2.67
CA PRO B 58 6.98 19.35 -3.33
C PRO B 58 8.10 18.77 -4.19
N LEU B 59 8.03 17.46 -4.47
CA LEU B 59 8.93 16.87 -5.44
C LEU B 59 8.68 17.51 -6.80
N ARG B 60 9.69 17.51 -7.65
CA ARG B 60 9.54 18.05 -9.00
C ARG B 60 9.89 17.02 -10.07
N ILE B 61 9.06 17.00 -11.11
CA ILE B 61 9.28 16.15 -12.26
C ILE B 61 9.96 16.97 -13.35
N ASN B 62 11.14 16.53 -13.76
CA ASN B 62 11.95 17.29 -14.71
C ASN B 62 11.91 16.76 -16.13
N GLY B 63 11.39 15.54 -16.30
CA GLY B 63 11.31 14.93 -17.61
C GLY B 63 10.38 13.73 -17.62
N VAL B 64 9.63 13.59 -18.71
CA VAL B 64 8.73 12.45 -18.88
C VAL B 64 8.94 11.78 -20.22
N LYS B 65 9.12 10.47 -20.19
CA LYS B 65 9.27 9.68 -21.41
C LYS B 65 8.45 8.39 -21.33
N VAL B 66 7.65 8.14 -22.35
CA VAL B 66 6.95 6.86 -22.45
C VAL B 66 7.94 5.84 -23.02
N TYR B 67 8.06 4.70 -22.34
CA TYR B 67 9.05 3.70 -22.69
C TYR B 67 8.50 2.79 -23.79
N THR B 68 9.24 2.70 -24.89
CA THR B 68 8.75 2.00 -26.08
C THR B 68 9.56 0.73 -26.34
N LYS B 73 2.98 -5.48 -23.81
CA LYS B 73 2.25 -4.57 -24.70
C LYS B 73 0.85 -4.29 -24.16
N ARG B 74 0.53 -4.93 -23.05
CA ARG B 74 -0.74 -4.72 -22.35
C ARG B 74 -0.52 -3.77 -21.18
N GLN B 75 0.63 -3.11 -21.20
CA GLN B 75 1.03 -2.21 -20.12
C GLN B 75 1.53 -0.88 -20.70
N ILE B 76 1.47 0.16 -19.88
CA ILE B 76 2.02 1.46 -20.25
C ILE B 76 3.16 1.83 -19.31
N ILE B 77 4.31 2.14 -19.88
CA ILE B 77 5.50 2.43 -19.09
C ILE B 77 5.86 3.92 -19.17
N LEU B 78 5.89 4.59 -18.03
CA LEU B 78 6.26 6.01 -17.98
C LEU B 78 7.49 6.24 -17.11
N ASP B 79 8.50 6.88 -17.68
CA ASP B 79 9.72 7.20 -16.93
C ASP B 79 9.75 8.67 -16.54
N LEU B 80 9.71 8.92 -15.24
CA LEU B 80 9.71 10.28 -14.73
C LEU B 80 10.99 10.59 -13.96
N GLN B 81 11.72 11.59 -14.44
CA GLN B 81 12.93 12.04 -13.74
C GLN B 81 12.52 12.91 -12.55
N ILE B 82 12.79 12.40 -11.35
CA ILE B 82 12.33 13.03 -10.12
C ILE B 82 13.46 13.75 -9.40
N SER B 83 13.14 14.92 -8.86
CA SER B 83 14.06 15.65 -8.01
C SER B 83 13.34 16.14 -6.75
N PHE B 84 13.91 15.83 -5.60
CA PHE B 84 13.35 16.31 -4.34
C PHE B 84 14.45 16.82 -3.41
N VAL B 85 14.37 18.10 -3.08
CA VAL B 85 15.28 18.72 -2.13
C VAL B 85 14.49 19.54 -1.13
N GLY B 86 14.57 19.16 0.14
CA GLY B 86 13.83 19.89 1.16
C GLY B 86 14.18 19.54 2.60
N ASN B 87 13.93 20.49 3.48
CA ASN B 87 14.08 20.27 4.91
C ASN B 87 12.88 19.51 5.43
N CYS B 88 13.12 18.58 6.35
CA CYS B 88 12.05 17.75 6.86
C CYS B 88 12.27 17.44 8.33
N GLU B 89 11.37 16.65 8.90
CA GLU B 89 11.55 16.16 10.26
C GLU B 89 10.90 14.79 10.40
N ILE B 90 11.68 13.75 10.20
CA ILE B 90 11.20 12.39 10.38
C ILE B 90 11.88 11.78 11.59
N ASP B 91 11.15 11.72 12.70
CA ASP B 91 11.71 11.27 13.96
C ASP B 91 11.40 9.80 14.27
N LEU B 92 12.39 9.10 14.79
CA LEU B 92 12.20 7.71 15.19
C LEU B 92 12.52 7.54 16.66
N GLU B 93 12.09 6.43 17.24
CA GLU B 93 12.38 6.13 18.63
C GLU B 93 12.45 4.63 18.84
N ILE B 94 13.46 4.20 19.60
CA ILE B 94 13.54 2.81 20.06
C ILE B 94 13.51 2.84 21.57
N LYS B 95 12.32 2.67 22.13
CA LYS B 95 12.08 2.91 23.55
C LYS B 95 12.88 2.00 24.48
N ARG B 96 13.16 0.79 24.01
CA ARG B 96 13.90 -0.20 24.80
C ARG B 96 15.28 0.33 25.18
N TYR B 97 15.85 1.12 24.28
CA TYR B 97 17.18 1.69 24.48
C TYR B 97 17.14 3.20 24.69
N PHE B 98 15.94 3.74 24.84
CA PHE B 98 15.73 5.16 25.04
C PHE B 98 16.45 5.96 23.96
N CYS B 99 16.37 5.44 22.74
CA CYS B 99 17.09 6.02 21.61
C CYS B 99 16.19 6.89 20.75
N ARG B 100 16.62 8.11 20.49
CA ARG B 100 15.90 9.03 19.63
C ARG B 100 16.83 9.63 18.57
N ALA B 101 16.36 9.66 17.33
CA ALA B 101 17.10 10.25 16.24
C ALA B 101 16.12 10.76 15.20
N GLY B 102 16.58 11.59 14.28
CA GLY B 102 15.71 12.13 13.26
C GLY B 102 16.42 12.53 11.98
N VAL B 103 15.66 12.57 10.89
CA VAL B 103 16.16 13.08 9.62
C VAL B 103 15.68 14.52 9.42
N LYS B 104 16.61 15.44 9.24
CA LYS B 104 16.28 16.87 9.17
C LYS B 104 16.25 17.41 7.74
N SER B 105 16.80 16.67 6.80
CA SER B 105 16.79 17.06 5.39
C SER B 105 17.03 15.87 4.48
N ILE B 106 16.37 15.88 3.32
CA ILE B 106 16.50 14.80 2.35
C ILE B 106 16.78 15.35 0.96
N GLN B 107 17.58 14.61 0.19
CA GLN B 107 17.72 14.87 -1.24
C GLN B 107 17.48 13.58 -2.01
N ILE B 108 16.67 13.66 -3.06
CA ILE B 108 16.40 12.49 -3.90
C ILE B 108 16.45 12.85 -5.38
N HIS B 109 17.34 12.19 -6.12
CA HIS B 109 17.42 12.37 -7.56
C HIS B 109 17.47 11.02 -8.25
N GLY B 110 16.56 10.79 -9.19
CA GLY B 110 16.53 9.54 -9.91
C GLY B 110 15.34 9.42 -10.84
N THR B 111 15.25 8.29 -11.52
CA THR B 111 14.15 8.04 -12.43
C THR B 111 13.10 7.17 -11.74
N MET B 112 11.88 7.68 -11.67
CA MET B 112 10.80 6.95 -11.04
C MET B 112 9.94 6.30 -12.13
N ARG B 113 9.75 4.99 -12.02
CA ARG B 113 9.01 4.24 -13.02
C ARG B 113 7.56 4.05 -12.61
N VAL B 114 6.65 4.42 -13.52
CA VAL B 114 5.23 4.20 -13.29
C VAL B 114 4.67 3.29 -14.36
N ILE B 115 4.22 2.10 -13.95
CA ILE B 115 3.64 1.14 -14.88
C ILE B 115 2.12 1.11 -14.79
N LEU B 116 1.46 1.33 -15.93
CA LEU B 116 0.01 1.24 -16.00
C LEU B 116 -0.38 -0.16 -16.48
N GLU B 117 -0.90 -0.98 -15.56
CA GLU B 117 -1.19 -2.37 -15.88
C GLU B 117 -2.19 -2.96 -14.88
N PRO B 118 -3.20 -3.69 -15.40
CA PRO B 118 -3.43 -3.98 -16.82
C PRO B 118 -4.37 -2.97 -17.47
N LEU B 119 -4.29 -2.87 -18.79
CA LEU B 119 -5.24 -2.06 -19.55
C LEU B 119 -6.55 -2.83 -19.69
N ILE B 120 -7.66 -2.13 -19.50
CA ILE B 120 -8.98 -2.77 -19.55
C ILE B 120 -9.90 -2.00 -20.50
N GLY B 121 -10.90 -2.70 -21.04
CA GLY B 121 -11.80 -2.14 -22.02
C GLY B 121 -12.96 -1.35 -21.43
N ASP B 122 -12.69 -0.68 -20.33
CA ASP B 122 -13.67 0.17 -19.67
C ASP B 122 -12.94 1.22 -18.85
N MET B 123 -13.59 2.34 -18.57
CA MET B 123 -13.01 3.38 -17.75
C MET B 123 -12.79 2.84 -16.33
N PRO B 124 -11.69 3.25 -15.67
CA PRO B 124 -10.68 4.24 -16.06
C PRO B 124 -9.54 3.70 -16.94
N LEU B 125 -9.79 2.62 -17.66
CA LEU B 125 -8.86 2.09 -18.67
C LEU B 125 -7.60 1.45 -18.07
N VAL B 126 -7.24 1.84 -16.86
CA VAL B 126 -6.08 1.26 -16.18
C VAL B 126 -6.50 0.58 -14.89
N GLY B 127 -6.12 -0.69 -14.74
CA GLY B 127 -6.51 -1.47 -13.59
C GLY B 127 -5.71 -1.13 -12.34
N ALA B 128 -4.43 -0.86 -12.51
CA ALA B 128 -3.56 -0.55 -11.37
C ALA B 128 -2.32 0.22 -11.78
N LEU B 129 -1.69 0.86 -10.80
CA LEU B 129 -0.42 1.55 -11.02
C LEU B 129 0.68 0.89 -10.21
N SER B 130 1.87 0.80 -10.79
CA SER B 130 3.04 0.28 -10.08
C SER B 130 4.12 1.35 -10.08
N ILE B 131 4.52 1.78 -8.89
CA ILE B 131 5.47 2.87 -8.74
C ILE B 131 6.74 2.41 -8.05
N PHE B 132 7.88 2.64 -8.71
CA PHE B 132 9.18 2.28 -8.15
C PHE B 132 10.29 3.03 -8.87
N PHE B 133 11.45 3.07 -8.24
CA PHE B 133 12.63 3.72 -8.84
C PHE B 133 13.48 2.76 -9.65
N LEU B 134 13.99 3.25 -10.78
CA LEU B 134 14.92 2.49 -11.61
C LEU B 134 16.31 2.51 -10.99
N ARG B 135 17.17 1.59 -11.45
CA ARG B 135 18.60 1.62 -11.13
C ARG B 135 18.85 1.77 -9.64
N LYS B 136 19.71 2.72 -9.29
CA LYS B 136 19.91 3.10 -7.90
C LYS B 136 19.66 4.59 -7.76
N PRO B 137 18.63 4.98 -6.99
CA PRO B 137 18.38 6.41 -6.84
C PRO B 137 19.47 7.09 -6.02
N LEU B 138 19.83 8.31 -6.42
CA LEU B 138 20.77 9.13 -5.67
C LEU B 138 20.09 9.84 -4.50
N LEU B 139 20.50 9.50 -3.28
CA LEU B 139 19.89 10.14 -2.11
C LEU B 139 20.93 10.71 -1.14
N GLU B 140 20.58 11.84 -0.53
CA GLU B 140 21.39 12.43 0.53
C GLU B 140 20.52 12.59 1.78
N ILE B 141 21.04 12.14 2.92
CA ILE B 141 20.28 12.18 4.16
C ILE B 141 21.09 12.71 5.33
N ASN B 142 20.60 13.80 5.93
CA ASN B 142 21.24 14.42 7.09
C ASN B 142 20.51 14.09 8.37
N TRP B 143 21.26 13.65 9.38
CA TRP B 143 20.66 13.15 10.61
C TRP B 143 20.82 14.06 11.82
N THR B 144 19.95 13.86 12.79
CA THR B 144 20.10 14.43 14.12
C THR B 144 20.15 13.27 15.12
N GLY B 145 21.26 13.14 15.84
CA GLY B 145 21.39 12.08 16.82
C GLY B 145 21.60 10.71 16.21
N LEU B 146 22.32 10.66 15.09
CA LEU B 146 22.59 9.40 14.41
C LEU B 146 23.38 8.44 15.29
N THR B 147 24.28 8.99 16.10
CA THR B 147 25.09 8.18 16.99
C THR B 147 24.24 7.36 17.96
N ASN B 148 23.03 7.85 18.27
CA ASN B 148 22.13 7.11 19.13
C ASN B 148 21.66 5.82 18.46
N LEU B 149 21.31 5.90 17.18
CA LEU B 149 20.86 4.73 16.44
C LEU B 149 21.99 3.72 16.25
N LEU B 150 23.22 4.23 16.10
CA LEU B 150 24.37 3.37 15.84
C LEU B 150 24.90 2.70 17.11
N ASP B 151 24.43 3.15 18.27
CA ASP B 151 24.85 2.56 19.54
C ASP B 151 23.95 1.42 19.98
N VAL B 152 22.81 1.27 19.30
CA VAL B 152 21.91 0.16 19.58
C VAL B 152 22.55 -1.18 19.23
N PRO B 153 22.59 -2.11 20.19
CA PRO B 153 23.14 -3.46 19.99
C PRO B 153 22.42 -4.19 18.87
N GLY B 154 23.12 -5.00 18.09
CA GLY B 154 22.51 -5.69 16.97
C GLY B 154 22.62 -4.84 15.72
N LEU B 155 22.91 -3.56 15.93
CA LEU B 155 23.08 -2.60 14.84
C LEU B 155 24.54 -2.14 14.78
N ASN B 156 25.39 -2.85 15.52
CA ASN B 156 26.82 -2.54 15.58
C ASN B 156 27.50 -2.65 14.22
N GLY B 157 26.77 -3.19 13.24
CA GLY B 157 27.29 -3.35 11.89
C GLY B 157 26.91 -2.19 10.98
N LEU B 158 25.98 -1.36 11.43
CA LEU B 158 25.51 -0.24 10.62
C LEU B 158 26.41 1.00 10.68
N SER B 159 26.33 1.80 9.62
CA SER B 159 27.03 3.07 9.53
C SER B 159 26.15 4.07 8.82
N ASP B 160 26.64 5.31 8.67
CA ASP B 160 25.90 6.32 7.92
C ASP B 160 25.76 5.86 6.48
N THR B 161 26.83 5.28 5.94
CA THR B 161 26.88 4.79 4.57
C THR B 161 25.92 3.62 4.33
N ILE B 162 25.96 2.65 5.26
CA ILE B 162 25.13 1.44 5.14
C ILE B 162 23.64 1.79 5.14
N ILE B 163 23.26 2.73 5.98
CA ILE B 163 21.86 3.15 6.07
C ILE B 163 21.39 3.77 4.75
N LEU B 164 22.26 4.57 4.13
CA LEU B 164 21.97 5.15 2.84
C LEU B 164 21.69 4.08 1.79
N ASP B 165 22.48 3.01 1.82
CA ASP B 165 22.31 1.90 0.87
C ASP B 165 20.98 1.18 1.12
N ILE B 166 20.69 0.90 2.39
CA ILE B 166 19.46 0.22 2.75
C ILE B 166 18.22 0.97 2.27
N ILE B 167 18.21 2.28 2.50
CA ILE B 167 17.11 3.13 2.09
C ILE B 167 17.06 3.19 0.56
N SER B 168 18.23 3.24 -0.07
CA SER B 168 18.34 3.25 -1.51
C SER B 168 17.73 1.99 -2.13
N ASN B 169 18.07 0.85 -1.55
CA ASN B 169 17.57 -0.43 -2.05
C ASN B 169 16.08 -0.60 -1.78
N TYR B 170 15.58 0.10 -0.77
CA TYR B 170 14.16 0.00 -0.41
C TYR B 170 13.28 0.64 -1.49
N LEU B 171 13.87 1.52 -2.29
CA LEU B 171 13.11 2.26 -3.29
C LEU B 171 13.04 1.57 -4.65
N VAL B 172 13.77 0.47 -4.81
CA VAL B 172 13.81 -0.22 -6.11
C VAL B 172 13.21 -1.62 -6.04
N LEU B 173 13.01 -2.20 -7.21
CA LEU B 173 12.42 -3.54 -7.35
C LEU B 173 13.18 -4.56 -6.51
N PRO B 174 12.47 -5.58 -5.98
CA PRO B 174 11.05 -5.90 -6.18
C PRO B 174 10.09 -5.03 -5.37
N ASN B 175 10.58 -4.10 -4.56
CA ASN B 175 9.70 -3.18 -3.86
C ASN B 175 9.01 -2.24 -4.84
N ARG B 176 7.74 -1.97 -4.58
CA ARG B 176 6.97 -1.04 -5.41
C ARG B 176 5.70 -0.61 -4.70
N ILE B 177 5.19 0.56 -5.08
CA ILE B 177 3.90 1.01 -4.60
C ILE B 177 2.83 0.52 -5.59
N THR B 178 1.93 -0.33 -5.11
CA THR B 178 0.88 -0.86 -5.96
C THR B 178 -0.42 -0.11 -5.69
N VAL B 179 -1.00 0.44 -6.75
CA VAL B 179 -2.15 1.31 -6.64
C VAL B 179 -3.35 0.83 -7.46
N PRO B 180 -4.26 0.07 -6.83
CA PRO B 180 -5.44 -0.41 -7.53
C PRO B 180 -6.40 0.73 -7.87
N LEU B 181 -7.00 0.68 -9.05
CA LEU B 181 -7.91 1.73 -9.51
C LEU B 181 -9.36 1.25 -9.63
N VAL B 182 -9.57 -0.07 -9.62
CA VAL B 182 -10.92 -0.61 -9.72
C VAL B 182 -11.19 -1.75 -8.73
N SER B 183 -10.45 -1.76 -7.62
CA SER B 183 -10.60 -2.78 -6.58
C SER B 183 -10.45 -4.19 -7.13
N ARG B 191 -1.81 -7.13 -4.28
CA ARG B 191 -1.44 -8.22 -3.39
C ARG B 191 -1.45 -9.54 -4.13
N PHE B 192 -0.58 -10.46 -3.69
CA PHE B 192 -0.39 -11.76 -4.32
C PHE B 192 -0.16 -11.69 -5.84
N PRO B 193 0.93 -11.03 -6.26
CA PRO B 193 1.25 -10.90 -7.68
C PRO B 193 1.95 -12.16 -8.18
N VAL B 194 1.64 -12.60 -9.39
CA VAL B 194 2.37 -13.72 -9.98
C VAL B 194 3.57 -13.13 -10.71
N PRO B 195 4.75 -13.75 -10.53
CA PRO B 195 5.96 -13.28 -11.20
C PRO B 195 5.76 -13.22 -12.71
N LYS B 196 6.37 -12.23 -13.35
CA LYS B 196 6.25 -12.09 -14.79
C LYS B 196 7.26 -12.95 -15.55
N GLY B 197 8.14 -13.61 -14.82
CA GLY B 197 9.11 -14.49 -15.45
C GLY B 197 10.10 -15.11 -14.49
N VAL B 198 10.84 -16.09 -15.00
CA VAL B 198 11.91 -16.71 -14.24
C VAL B 198 13.20 -16.66 -15.05
N LEU B 199 14.25 -16.11 -14.46
CA LEU B 199 15.55 -16.02 -15.11
C LEU B 199 16.46 -17.17 -14.67
N ARG B 200 16.79 -18.06 -15.60
CA ARG B 200 17.73 -19.14 -15.31
C ARG B 200 19.13 -18.71 -15.72
N ILE B 201 20.05 -18.71 -14.75
CA ILE B 201 21.38 -18.18 -14.96
C ILE B 201 22.44 -19.29 -14.96
N HIS B 202 23.04 -19.52 -16.13
CA HIS B 202 24.15 -20.46 -16.25
C HIS B 202 25.47 -19.75 -16.01
N PHE B 203 25.97 -19.86 -14.78
CA PHE B 203 27.22 -19.23 -14.39
C PHE B 203 28.40 -20.11 -14.81
N ILE B 204 28.78 -20.00 -16.08
CA ILE B 204 29.70 -20.94 -16.71
C ILE B 204 31.19 -20.70 -16.45
N GLU B 205 31.79 -19.71 -17.12
CA GLU B 205 33.24 -19.55 -17.12
C GLU B 205 33.73 -18.11 -17.12
N ALA B 206 35.03 -17.95 -16.86
CA ALA B 206 35.72 -16.67 -16.95
C ALA B 206 37.05 -16.87 -17.69
N GLN B 207 37.85 -15.80 -17.83
CA GLN B 207 39.14 -15.92 -18.52
C GLN B 207 40.27 -15.14 -17.84
N ASP B 208 40.47 -13.89 -18.24
CA ASP B 208 41.58 -13.10 -17.68
C ASP B 208 41.23 -12.45 -16.35
N LEU B 209 42.13 -12.57 -15.37
CA LEU B 209 41.94 -11.95 -14.08
C LEU B 209 43.25 -11.37 -13.54
N PRO B 226 39.25 -17.37 -7.30
CA PRO B 226 38.16 -16.52 -7.78
C PRO B 226 36.78 -17.15 -7.59
N TYR B 227 35.81 -16.34 -7.15
CA TYR B 227 34.42 -16.76 -7.04
C TYR B 227 33.51 -15.62 -7.48
N GLY B 228 32.24 -15.94 -7.69
CA GLY B 228 31.28 -14.94 -8.17
C GLY B 228 30.10 -14.72 -7.23
N ILE B 229 29.58 -13.51 -7.24
CA ILE B 229 28.38 -13.17 -6.49
C ILE B 229 27.30 -12.71 -7.45
N ILE B 230 26.16 -13.41 -7.44
CA ILE B 230 25.11 -13.18 -8.42
C ILE B 230 23.87 -12.63 -7.75
N ARG B 231 23.39 -11.49 -8.22
CA ARG B 231 22.26 -10.84 -7.57
C ARG B 231 21.13 -10.49 -8.55
N VAL B 232 19.92 -10.89 -8.19
CA VAL B 232 18.71 -10.45 -8.89
C VAL B 232 17.71 -9.97 -7.86
N GLY B 233 17.66 -8.66 -7.64
CA GLY B 233 16.82 -8.10 -6.60
C GLY B 233 17.32 -8.49 -5.23
N ASN B 234 16.50 -9.19 -4.46
CA ASN B 234 16.89 -9.67 -3.14
C ASN B 234 17.48 -11.07 -3.18
N GLN B 235 17.49 -11.68 -4.37
CA GLN B 235 18.00 -13.03 -4.52
C GLN B 235 19.51 -13.00 -4.75
N ILE B 236 20.25 -13.65 -3.87
CA ILE B 236 21.70 -13.65 -3.97
C ILE B 236 22.27 -15.06 -4.08
N PHE B 237 23.15 -15.25 -5.05
CA PHE B 237 23.83 -16.52 -5.24
C PHE B 237 25.32 -16.31 -5.17
N GLN B 238 26.03 -17.25 -4.54
CA GLN B 238 27.48 -17.18 -4.49
C GLN B 238 28.08 -18.51 -4.93
N SER B 239 28.93 -18.44 -5.96
CA SER B 239 29.55 -19.63 -6.51
C SER B 239 30.63 -20.17 -5.59
N ARG B 240 31.15 -21.36 -5.91
CA ARG B 240 32.26 -21.92 -5.16
C ARG B 240 33.56 -21.26 -5.57
N VAL B 241 34.59 -21.42 -4.76
CA VAL B 241 35.89 -20.84 -5.05
C VAL B 241 36.81 -21.85 -5.75
N ILE B 242 37.40 -21.44 -6.85
CA ILE B 242 38.44 -22.22 -7.51
C ILE B 242 39.81 -21.64 -7.14
N LYS B 243 40.74 -22.50 -6.75
CA LYS B 243 42.03 -22.03 -6.22
C LYS B 243 43.13 -22.04 -7.26
N GLU B 244 43.94 -20.97 -7.26
CA GLU B 244 45.10 -20.83 -8.13
C GLU B 244 44.74 -21.02 -9.60
N ASN B 245 43.66 -20.38 -10.02
CA ASN B 245 43.22 -20.56 -11.41
C ASN B 245 42.64 -19.30 -12.03
N LEU B 246 43.30 -18.83 -13.08
CA LEU B 246 42.76 -17.76 -13.91
C LEU B 246 42.04 -18.48 -15.04
N SER B 247 40.88 -17.96 -15.43
CA SER B 247 39.98 -18.60 -16.39
C SER B 247 39.37 -19.87 -15.79
N PRO B 248 38.62 -19.72 -14.68
CA PRO B 248 38.09 -20.84 -13.92
C PRO B 248 36.79 -21.38 -14.51
N LYS B 249 36.47 -22.64 -14.21
CA LYS B 249 35.22 -23.23 -14.66
C LYS B 249 34.29 -23.55 -13.49
N TRP B 250 33.24 -22.76 -13.33
CA TRP B 250 32.29 -22.97 -12.25
C TRP B 250 31.17 -23.94 -12.63
N ASN B 251 30.56 -23.70 -13.79
CA ASN B 251 29.45 -24.51 -14.29
C ASN B 251 28.33 -24.66 -13.25
N GLU B 252 27.84 -23.54 -12.73
CA GLU B 252 26.75 -23.55 -11.78
C GLU B 252 25.51 -22.94 -12.40
N VAL B 253 24.35 -23.25 -11.85
CA VAL B 253 23.09 -22.73 -12.39
C VAL B 253 22.23 -22.13 -11.28
N TYR B 254 21.72 -20.93 -11.52
CA TYR B 254 20.83 -20.27 -10.57
C TYR B 254 19.51 -19.89 -11.22
N GLU B 255 18.41 -20.09 -10.50
CA GLU B 255 17.10 -19.67 -10.99
C GLU B 255 16.55 -18.54 -10.13
N ALA B 256 16.21 -17.43 -10.76
CA ALA B 256 15.75 -16.25 -10.03
C ALA B 256 14.37 -15.80 -10.49
N LEU B 257 13.51 -15.46 -9.53
CA LEU B 257 12.18 -14.94 -9.82
C LEU B 257 12.23 -13.48 -10.22
N VAL B 258 11.48 -13.14 -11.27
CA VAL B 258 11.32 -11.74 -11.68
C VAL B 258 9.85 -11.38 -11.51
N TYR B 259 9.56 -10.45 -10.62
CA TYR B 259 8.19 -10.10 -10.31
C TYR B 259 7.66 -8.98 -11.20
N GLU B 260 8.37 -7.87 -11.23
CA GLU B 260 7.99 -6.75 -12.07
C GLU B 260 8.94 -6.57 -13.24
N HIS B 261 8.37 -6.51 -14.43
CA HIS B 261 9.14 -6.30 -15.64
C HIS B 261 8.43 -5.30 -16.53
N PRO B 262 9.17 -4.36 -17.13
CA PRO B 262 10.63 -4.20 -17.08
C PRO B 262 11.16 -3.31 -15.95
N GLY B 263 12.41 -3.54 -15.54
CA GLY B 263 13.11 -2.67 -14.61
C GLY B 263 14.06 -3.36 -13.64
N GLN B 264 13.98 -4.68 -13.57
CA GLN B 264 14.90 -5.46 -12.75
C GLN B 264 16.18 -5.75 -13.54
N GLU B 265 17.32 -5.88 -12.85
CA GLU B 265 18.57 -6.15 -13.55
C GLU B 265 19.33 -7.31 -12.94
N LEU B 266 20.24 -7.88 -13.74
CA LEU B 266 21.17 -8.90 -13.26
C LEU B 266 22.50 -8.26 -12.90
N GLU B 267 22.94 -8.47 -11.66
CA GLU B 267 24.19 -7.89 -11.19
C GLU B 267 25.17 -8.99 -10.77
N ILE B 268 26.37 -8.93 -11.31
CA ILE B 268 27.41 -9.91 -10.99
C ILE B 268 28.73 -9.24 -10.58
N GLU B 269 29.34 -9.74 -9.53
CA GLU B 269 30.65 -9.26 -9.09
C GLU B 269 31.58 -10.43 -8.80
N LEU B 270 32.79 -10.38 -9.34
CA LEU B 270 33.76 -11.45 -9.13
C LEU B 270 34.83 -11.04 -8.12
N PHE B 271 35.21 -11.96 -7.25
CA PHE B 271 36.21 -11.65 -6.23
C PHE B 271 37.24 -12.76 -6.02
N ASP B 272 38.38 -12.36 -5.50
CA ASP B 272 39.40 -13.27 -5.01
C ASP B 272 39.49 -13.07 -3.50
N GLU B 273 39.74 -14.13 -2.75
CA GLU B 273 39.90 -13.97 -1.31
C GLU B 273 41.31 -13.45 -1.06
N ASP B 274 41.43 -12.44 -0.20
CA ASP B 274 42.73 -11.82 0.06
C ASP B 274 43.37 -12.38 1.34
N PRO B 275 42.62 -12.45 2.46
CA PRO B 275 43.30 -13.02 3.62
C PRO B 275 42.84 -14.45 3.92
N ASP B 278 39.55 -9.33 0.30
CA ASP B 278 38.63 -8.90 -0.75
C ASP B 278 39.38 -8.31 -1.95
N ASP B 279 39.42 -9.05 -3.04
CA ASP B 279 40.10 -8.59 -4.25
C ASP B 279 39.08 -8.47 -5.39
N PHE B 280 38.85 -7.25 -5.86
CA PHE B 280 37.83 -7.02 -6.87
C PHE B 280 38.38 -7.38 -8.25
N LEU B 281 37.64 -8.22 -8.97
CA LEU B 281 38.11 -8.74 -10.25
C LEU B 281 37.22 -8.36 -11.44
N GLY B 282 36.24 -7.50 -11.20
CA GLY B 282 35.38 -7.06 -12.28
C GLY B 282 33.91 -7.27 -12.00
N SER B 283 33.07 -6.46 -12.65
CA SER B 283 31.63 -6.50 -12.41
C SER B 283 30.84 -6.54 -13.70
N LEU B 284 29.56 -6.87 -13.58
CA LEU B 284 28.64 -6.93 -14.70
C LEU B 284 27.25 -6.45 -14.30
N MET B 285 26.64 -5.67 -15.19
CA MET B 285 25.29 -5.18 -14.97
C MET B 285 24.51 -5.43 -16.25
N ILE B 286 23.40 -6.15 -16.15
CA ILE B 286 22.63 -6.49 -17.33
C ILE B 286 21.14 -6.21 -17.14
N ASP B 287 20.62 -5.30 -17.96
CA ASP B 287 19.20 -5.00 -17.95
C ASP B 287 18.44 -6.22 -18.49
N LEU B 288 17.45 -6.67 -17.74
CA LEU B 288 16.73 -7.91 -18.07
C LEU B 288 15.82 -7.76 -19.29
N ILE B 289 15.61 -6.52 -19.73
CA ILE B 289 14.81 -6.25 -20.91
C ILE B 289 15.46 -6.91 -22.13
N GLU B 290 16.79 -6.95 -22.12
CA GLU B 290 17.54 -7.54 -23.22
C GLU B 290 17.34 -9.05 -23.24
N VAL B 291 17.36 -9.67 -22.07
CA VAL B 291 17.14 -11.11 -21.96
C VAL B 291 15.70 -11.45 -22.34
N GLU B 292 14.77 -10.58 -21.92
CA GLU B 292 13.35 -10.74 -22.22
C GLU B 292 13.02 -10.71 -23.71
N LYS B 293 13.65 -9.83 -24.47
CA LYS B 293 13.38 -9.77 -25.89
C LYS B 293 13.95 -11.00 -26.59
N GLU B 294 15.27 -11.17 -26.55
CA GLU B 294 15.89 -12.35 -27.13
C GLU B 294 15.90 -13.50 -26.14
N ARG B 295 14.70 -13.97 -25.78
CA ARG B 295 14.47 -15.14 -24.91
C ARG B 295 15.70 -15.92 -24.40
N LEU B 296 16.59 -16.30 -25.32
CA LEU B 296 17.81 -17.01 -24.95
C LEU B 296 19.05 -16.33 -25.53
N LEU B 297 20.11 -16.26 -24.72
CA LEU B 297 21.39 -15.72 -25.19
C LEU B 297 22.55 -16.39 -24.49
N ASP B 298 23.62 -16.61 -25.24
CA ASP B 298 24.85 -17.20 -24.74
C ASP B 298 26.02 -16.38 -25.26
N GLU B 299 26.51 -15.48 -24.43
CA GLU B 299 27.53 -14.54 -24.85
C GLU B 299 28.70 -14.46 -23.87
N TRP B 300 29.82 -13.95 -24.34
CA TRP B 300 30.91 -13.56 -23.46
C TRP B 300 30.78 -12.08 -23.16
N PHE B 301 30.83 -11.73 -21.88
CA PHE B 301 30.72 -10.33 -21.49
C PHE B 301 32.06 -9.85 -20.94
N THR B 302 32.48 -8.68 -21.36
CA THR B 302 33.70 -8.08 -20.79
C THR B 302 33.36 -7.42 -19.46
N LEU B 303 34.19 -7.66 -18.46
CA LEU B 303 33.94 -7.13 -17.12
C LEU B 303 34.24 -5.63 -17.03
N ASP B 304 33.48 -4.94 -16.21
CA ASP B 304 33.64 -3.50 -16.03
C ASP B 304 34.62 -3.19 -14.91
N GLU B 305 35.10 -1.94 -14.88
CA GLU B 305 35.98 -1.47 -13.81
C GLU B 305 37.23 -2.32 -13.66
N VAL B 306 37.69 -2.89 -14.77
CA VAL B 306 38.84 -3.79 -14.75
C VAL B 306 39.53 -3.82 -16.11
N PRO B 307 40.87 -3.89 -16.11
CA PRO B 307 41.69 -3.91 -17.33
C PRO B 307 41.49 -5.18 -18.15
N LYS B 308 41.45 -6.33 -17.49
CA LYS B 308 41.34 -7.61 -18.17
C LYS B 308 40.30 -8.52 -17.53
N GLY B 309 39.39 -9.06 -18.34
CA GLY B 309 38.39 -9.97 -17.82
C GLY B 309 37.17 -10.20 -18.70
N LYS B 310 36.82 -11.46 -18.90
CA LYS B 310 35.62 -11.83 -19.64
C LYS B 310 34.84 -12.90 -18.88
N LEU B 311 33.52 -12.86 -18.99
CA LEU B 311 32.66 -13.79 -18.28
C LEU B 311 31.68 -14.49 -19.23
N HIS B 312 31.64 -15.81 -19.17
CA HIS B 312 30.78 -16.59 -20.05
C HIS B 312 29.46 -16.90 -19.35
N LEU B 313 28.36 -16.42 -19.94
CA LEU B 313 27.04 -16.62 -19.37
C LEU B 313 26.05 -17.17 -20.37
N ARG B 314 25.08 -17.94 -19.86
CA ARG B 314 23.93 -18.36 -20.65
C ARG B 314 22.67 -17.98 -19.88
N LEU B 315 21.88 -17.09 -20.47
CA LEU B 315 20.70 -16.56 -19.78
C LEU B 315 19.41 -17.01 -20.47
N GLU B 316 18.44 -17.41 -19.65
CA GLU B 316 17.17 -17.89 -20.19
C GLU B 316 15.98 -17.25 -19.50
N TRP B 317 15.11 -16.62 -20.28
CA TRP B 317 13.88 -16.05 -19.76
C TRP B 317 12.73 -17.05 -19.90
N LEU B 318 12.24 -17.53 -18.76
CA LEU B 318 11.18 -18.54 -18.73
C LEU B 318 9.82 -17.93 -18.43
N THR B 319 8.83 -18.31 -19.22
CA THR B 319 7.47 -17.80 -19.08
C THR B 319 6.66 -18.68 -18.13
N LEU B 320 5.84 -18.08 -17.29
CA LEU B 320 4.95 -18.85 -16.43
C LEU B 320 3.71 -19.19 -17.22
N MET B 321 3.48 -20.47 -17.45
CA MET B 321 2.33 -20.92 -18.22
C MET B 321 1.22 -21.41 -17.29
N PRO B 322 -0.03 -20.99 -17.57
CA PRO B 322 -1.18 -21.37 -16.75
C PRO B 322 -1.74 -22.77 -17.06
N ASN B 323 -1.10 -23.50 -17.97
CA ASN B 323 -1.50 -24.87 -18.27
C ASN B 323 -0.27 -25.77 -18.39
N ALA B 324 -0.49 -27.07 -18.53
CA ALA B 324 0.61 -28.04 -18.55
C ALA B 324 0.83 -28.66 -19.93
N SER B 325 0.43 -27.95 -20.98
CA SER B 325 0.54 -28.49 -22.34
C SER B 325 2.00 -28.66 -22.77
N ASN B 326 2.90 -27.90 -22.15
CA ASN B 326 4.31 -27.94 -22.51
C ASN B 326 5.14 -28.76 -21.54
N LEU B 327 4.50 -29.20 -20.45
CA LEU B 327 5.19 -29.91 -19.38
C LEU B 327 5.92 -31.15 -19.88
N ASP B 328 5.27 -31.87 -20.79
CA ASP B 328 5.81 -33.12 -21.31
C ASP B 328 7.17 -32.92 -21.99
N LYS B 329 7.29 -31.89 -22.80
CA LYS B 329 8.55 -31.59 -23.48
C LYS B 329 9.57 -30.95 -22.55
N VAL B 330 9.09 -30.10 -21.65
CA VAL B 330 9.97 -29.45 -20.67
C VAL B 330 10.72 -30.48 -19.82
N LEU B 331 10.01 -31.49 -19.36
CA LEU B 331 10.62 -32.56 -18.58
C LEU B 331 11.69 -33.32 -19.37
N THR B 332 11.40 -33.60 -20.64
CA THR B 332 12.34 -34.32 -21.49
C THR B 332 13.60 -33.49 -21.71
N ASP B 333 13.41 -32.19 -21.91
CA ASP B 333 14.50 -31.27 -22.18
C ASP B 333 15.41 -31.06 -20.97
N ILE B 334 14.83 -31.19 -19.78
CA ILE B 334 15.55 -30.92 -18.53
C ILE B 334 16.44 -32.10 -18.13
N LYS B 335 16.00 -33.31 -18.45
CA LYS B 335 16.72 -34.54 -18.11
C LYS B 335 18.24 -34.44 -18.29
N ALA B 336 18.68 -34.32 -19.53
CA ALA B 336 20.10 -34.19 -19.82
C ALA B 336 20.32 -33.53 -21.18
N GLY B 344 17.93 -30.17 -9.04
CA GLY B 344 18.49 -29.79 -10.33
C GLY B 344 17.79 -28.60 -10.94
N LEU B 345 17.33 -28.77 -12.18
CA LEU B 345 16.63 -27.71 -12.90
C LEU B 345 15.12 -27.78 -12.62
N SER B 346 14.44 -26.65 -12.77
CA SER B 346 13.02 -26.59 -12.46
C SER B 346 12.15 -26.60 -13.71
N SER B 347 11.06 -27.36 -13.65
CA SER B 347 10.10 -27.43 -14.74
C SER B 347 8.83 -26.66 -14.40
N ALA B 348 8.67 -26.30 -13.13
CA ALA B 348 7.46 -25.63 -12.69
C ALA B 348 7.69 -24.75 -11.46
N LEU B 349 6.68 -23.96 -11.14
CA LEU B 349 6.74 -23.06 -10.00
C LEU B 349 5.46 -23.21 -9.19
N LEU B 350 5.60 -23.28 -7.88
CA LEU B 350 4.45 -23.36 -6.98
C LEU B 350 4.27 -22.05 -6.22
N ILE B 351 3.09 -21.46 -6.34
CA ILE B 351 2.80 -20.24 -5.61
C ILE B 351 1.75 -20.54 -4.57
N LEU B 352 2.10 -20.31 -3.31
CA LEU B 352 1.23 -20.67 -2.19
C LEU B 352 0.79 -19.43 -1.43
N TYR B 353 -0.51 -19.27 -1.29
CA TYR B 353 -1.06 -18.24 -0.41
C TYR B 353 -1.61 -18.87 0.86
N LEU B 354 -0.93 -18.59 1.97
CA LEU B 354 -1.38 -19.09 3.27
C LEU B 354 -2.31 -18.09 3.91
N ASP B 355 -3.61 -18.38 3.87
CA ASP B 355 -4.62 -17.46 4.38
C ASP B 355 -4.70 -17.56 5.91
N SER B 356 -5.24 -18.67 6.39
CA SER B 356 -5.52 -18.84 7.82
C SER B 356 -5.87 -20.28 8.17
N ALA B 357 -6.19 -20.51 9.44
CA ALA B 357 -6.64 -21.80 9.92
C ALA B 357 -7.67 -21.60 11.03
N ARG B 358 -8.56 -22.57 11.21
CA ARG B 358 -9.54 -22.49 12.29
C ARG B 358 -9.75 -23.86 12.94
N ASN B 359 -10.24 -23.84 14.18
CA ASN B 359 -10.53 -25.05 14.96
C ASN B 359 -9.30 -25.95 15.14
N LEU B 360 -8.14 -25.32 15.28
CA LEU B 360 -6.93 -26.04 15.62
C LEU B 360 -7.08 -26.64 17.01
N PRO B 361 -6.44 -27.80 17.26
CA PRO B 361 -6.53 -28.44 18.58
C PRO B 361 -6.15 -27.51 19.72
N SER B 362 -7.06 -27.33 20.67
CA SER B 362 -6.80 -26.47 21.83
C SER B 362 -7.78 -26.78 22.95
N GLY B 363 -7.58 -26.13 24.09
CA GLY B 363 -8.50 -26.26 25.21
C GLY B 363 -9.46 -25.10 25.25
N LYS B 364 -10.23 -25.01 26.32
CA LYS B 364 -11.17 -23.90 26.49
C LYS B 364 -10.45 -22.60 26.79
N LYS B 365 -9.55 -22.64 27.78
CA LYS B 365 -8.85 -21.44 28.22
C LYS B 365 -7.75 -21.02 27.25
N ILE B 366 -7.26 -19.79 27.41
CA ILE B 366 -6.29 -19.21 26.49
C ILE B 366 -4.87 -19.69 26.79
N SER B 367 -4.61 -20.01 28.05
CA SER B 367 -3.30 -20.55 28.42
C SER B 367 -3.07 -21.92 27.80
N SER B 368 -4.16 -22.58 27.40
CA SER B 368 -4.08 -23.87 26.73
C SER B 368 -3.99 -23.73 25.21
N ASN B 369 -4.09 -22.49 24.71
CA ASN B 369 -4.00 -22.24 23.28
C ASN B 369 -2.58 -22.31 22.73
N PRO B 370 -2.42 -22.83 21.52
CA PRO B 370 -1.11 -22.98 20.90
C PRO B 370 -0.57 -21.69 20.29
N ASN B 371 0.69 -21.71 19.88
CA ASN B 371 1.26 -20.64 19.08
C ASN B 371 1.55 -21.17 17.67
N PRO B 372 0.53 -21.14 16.80
CA PRO B 372 0.57 -21.81 15.49
C PRO B 372 1.59 -21.23 14.52
N VAL B 373 2.42 -22.11 13.95
CA VAL B 373 3.33 -21.76 12.87
C VAL B 373 3.26 -22.83 11.79
N VAL B 374 3.36 -22.43 10.53
CA VAL B 374 3.23 -23.36 9.41
C VAL B 374 4.55 -23.66 8.71
N GLN B 375 4.86 -24.95 8.54
CA GLN B 375 6.03 -25.35 7.78
C GLN B 375 5.59 -25.94 6.44
N MET B 376 6.17 -25.45 5.35
CA MET B 376 5.81 -25.90 4.01
C MET B 376 7.04 -26.38 3.23
N SER B 377 6.89 -27.50 2.53
CA SER B 377 8.00 -28.04 1.76
C SER B 377 7.54 -28.88 0.58
N VAL B 378 8.30 -28.82 -0.50
CA VAL B 378 8.12 -29.70 -1.65
C VAL B 378 9.43 -30.44 -1.88
N GLY B 379 9.57 -31.60 -1.25
CA GLY B 379 10.82 -32.35 -1.32
C GLY B 379 11.85 -31.94 -0.28
N HIS B 380 12.81 -31.11 -0.68
CA HIS B 380 13.94 -30.80 0.20
C HIS B 380 13.95 -29.42 0.89
N LYS B 381 13.65 -28.37 0.16
CA LYS B 381 13.63 -27.02 0.73
C LYS B 381 12.36 -26.75 1.53
N ALA B 382 12.52 -26.29 2.77
CA ALA B 382 11.36 -26.01 3.61
C ALA B 382 11.31 -24.53 4.00
N GLN B 383 10.10 -24.00 4.09
CA GLN B 383 9.89 -22.61 4.48
C GLN B 383 8.87 -22.52 5.62
N GLU B 384 8.92 -21.43 6.38
CA GLU B 384 8.05 -21.28 7.52
C GLU B 384 7.33 -19.93 7.52
N SER B 385 6.09 -19.94 8.00
CA SER B 385 5.32 -18.71 8.14
C SER B 385 5.74 -18.00 9.41
N LYS B 386 5.10 -16.87 9.69
CA LYS B 386 5.34 -16.18 10.95
C LYS B 386 4.57 -16.90 12.06
N ILE B 387 4.87 -16.56 13.30
CA ILE B 387 4.24 -17.18 14.44
C ILE B 387 3.05 -16.37 14.93
N ARG B 388 1.90 -17.02 15.08
CA ARG B 388 0.75 -16.42 15.73
C ARG B 388 0.70 -16.91 17.18
N TYR B 389 0.09 -16.14 18.07
CA TYR B 389 0.21 -16.44 19.49
C TYR B 389 -1.12 -16.57 20.24
N LYS B 390 -1.23 -17.65 21.01
CA LYS B 390 -2.37 -17.90 21.88
C LYS B 390 -3.69 -17.89 21.13
N THR B 391 -3.74 -18.62 20.02
CA THR B 391 -4.93 -18.65 19.19
C THR B 391 -5.08 -20.01 18.48
N ASN B 392 -6.33 -20.44 18.33
CA ASN B 392 -6.64 -21.63 17.55
C ASN B 392 -7.22 -21.22 16.21
N GLU B 393 -7.24 -19.91 15.95
CA GLU B 393 -7.72 -19.37 14.68
C GLU B 393 -6.75 -18.34 14.11
N PRO B 394 -5.53 -18.77 13.75
CA PRO B 394 -4.48 -17.84 13.28
C PRO B 394 -4.70 -17.32 11.86
N VAL B 395 -4.38 -16.05 11.64
CA VAL B 395 -4.47 -15.45 10.31
C VAL B 395 -3.10 -14.99 9.85
N TRP B 396 -2.65 -15.49 8.70
CA TRP B 396 -1.32 -15.17 8.19
C TRP B 396 -1.35 -14.23 7.00
N GLU B 397 -2.05 -14.64 5.95
CA GLU B 397 -2.07 -13.88 4.69
C GLU B 397 -0.66 -13.63 4.17
N GLU B 398 0.12 -14.69 4.04
CA GLU B 398 1.52 -14.59 3.60
C GLU B 398 1.75 -15.39 2.32
N ASN B 399 2.72 -14.96 1.53
CA ASN B 399 2.99 -15.57 0.23
C ASN B 399 4.27 -16.40 0.23
N PHE B 400 4.23 -17.54 -0.45
CA PHE B 400 5.42 -18.41 -0.56
C PHE B 400 5.52 -19.05 -1.94
N THR B 401 6.75 -19.12 -2.46
CA THR B 401 6.98 -19.70 -3.78
C THR B 401 8.02 -20.82 -3.73
N PHE B 402 7.74 -21.91 -4.43
CA PHE B 402 8.63 -23.07 -4.45
C PHE B 402 9.00 -23.43 -5.87
N PHE B 403 10.30 -23.61 -6.11
CA PHE B 403 10.76 -24.13 -7.40
C PHE B 403 10.52 -25.64 -7.44
N ILE B 404 10.06 -26.13 -8.59
CA ILE B 404 9.66 -27.52 -8.71
C ILE B 404 10.38 -28.25 -9.83
N HIS B 405 11.04 -29.35 -9.47
CA HIS B 405 11.76 -30.16 -10.44
C HIS B 405 10.78 -30.89 -11.35
N ASN B 406 9.87 -31.64 -10.73
CA ASN B 406 8.89 -32.43 -11.47
C ASN B 406 7.57 -32.54 -10.71
N PRO B 407 6.56 -31.78 -11.14
CA PRO B 407 5.27 -31.72 -10.45
C PRO B 407 4.46 -33.03 -10.57
N LYS B 408 4.89 -33.91 -11.47
CA LYS B 408 4.24 -35.20 -11.62
C LYS B 408 4.64 -36.16 -10.50
N ARG B 409 5.77 -35.88 -9.86
CA ARG B 409 6.36 -36.81 -8.89
C ARG B 409 6.51 -36.22 -7.50
N GLN B 410 6.31 -34.91 -7.37
CA GLN B 410 6.55 -34.22 -6.10
C GLN B 410 5.27 -33.87 -5.34
N ASP B 411 5.38 -33.80 -4.01
CA ASP B 411 4.25 -33.51 -3.15
C ASP B 411 4.45 -32.21 -2.37
N LEU B 412 3.36 -31.50 -2.12
CA LEU B 412 3.36 -30.39 -1.18
C LEU B 412 3.07 -30.92 0.21
N GLU B 413 3.97 -30.62 1.15
CA GLU B 413 3.76 -31.01 2.55
C GLU B 413 3.56 -29.78 3.42
N VAL B 414 2.40 -29.70 4.07
CA VAL B 414 2.13 -28.60 4.98
C VAL B 414 2.00 -29.11 6.40
N GLU B 415 2.74 -28.50 7.32
CA GLU B 415 2.72 -28.94 8.71
C GLU B 415 2.45 -27.76 9.64
N VAL B 416 1.36 -27.84 10.38
CA VAL B 416 1.02 -26.80 11.35
C VAL B 416 1.52 -27.21 12.73
N ARG B 417 2.41 -26.41 13.30
CA ARG B 417 2.97 -26.75 14.61
C ARG B 417 2.74 -25.67 15.65
N ASP B 418 2.78 -26.08 16.91
CA ASP B 418 2.71 -25.19 18.05
C ASP B 418 4.11 -24.91 18.60
N GLU B 419 4.53 -23.65 18.52
CA GLU B 419 5.87 -23.28 18.98
C GLU B 419 6.00 -23.33 20.49
N GLN B 420 4.88 -23.20 21.19
CA GLN B 420 4.88 -23.20 22.65
C GLN B 420 5.18 -24.58 23.23
N HIS B 421 4.39 -25.57 22.83
CA HIS B 421 4.52 -26.93 23.36
C HIS B 421 5.38 -27.84 22.47
N GLN B 422 5.87 -27.29 21.36
CA GLN B 422 6.72 -28.02 20.42
C GLN B 422 6.10 -29.35 19.97
N CYS B 423 4.88 -29.27 19.43
CA CYS B 423 4.17 -30.46 18.96
C CYS B 423 3.36 -30.15 17.70
N SER B 424 2.80 -31.17 17.10
CA SER B 424 2.02 -31.01 15.86
C SER B 424 0.56 -30.67 16.11
N LEU B 425 0.02 -29.77 15.28
CA LEU B 425 -1.39 -29.39 15.37
C LEU B 425 -2.18 -29.94 14.18
N GLY B 426 -1.47 -30.59 13.26
CA GLY B 426 -2.10 -31.15 12.08
C GLY B 426 -1.20 -31.04 10.88
N ASN B 427 -1.47 -31.83 9.85
CA ASN B 427 -0.70 -31.77 8.62
C ASN B 427 -1.57 -32.01 7.40
N LEU B 428 -1.06 -31.63 6.23
CA LEU B 428 -1.76 -31.79 4.98
C LEU B 428 -0.78 -32.22 3.89
N LYS B 429 -1.19 -33.20 3.08
CA LYS B 429 -0.37 -33.62 1.95
C LYS B 429 -1.14 -33.38 0.66
N VAL B 430 -0.54 -32.61 -0.24
CA VAL B 430 -1.16 -32.33 -1.53
C VAL B 430 -0.25 -32.72 -2.68
N PRO B 431 -0.61 -33.81 -3.39
CA PRO B 431 0.11 -34.18 -4.61
C PRO B 431 -0.04 -33.06 -5.63
N LEU B 432 1.07 -32.63 -6.23
CA LEU B 432 1.03 -31.52 -7.19
C LEU B 432 0.32 -31.92 -8.48
N SER B 433 0.14 -33.22 -8.70
CA SER B 433 -0.58 -33.70 -9.86
C SER B 433 -2.04 -33.29 -9.79
N GLN B 434 -2.53 -33.08 -8.58
CA GLN B 434 -3.90 -32.59 -8.38
C GLN B 434 -4.04 -31.18 -8.98
N LEU B 435 -2.97 -30.40 -8.93
CA LEU B 435 -2.99 -29.07 -9.51
C LEU B 435 -2.93 -29.11 -11.04
N LEU B 436 -2.20 -30.09 -11.58
CA LEU B 436 -2.04 -30.23 -13.03
C LEU B 436 -3.38 -30.34 -13.74
N THR B 437 -4.37 -30.93 -13.07
CA THR B 437 -5.68 -31.16 -13.67
C THR B 437 -6.72 -30.13 -13.24
N SER B 438 -6.30 -29.13 -12.47
CA SER B 438 -7.21 -28.07 -12.01
C SER B 438 -7.22 -26.89 -12.97
N GLU B 439 -8.32 -26.14 -12.98
CA GLU B 439 -8.44 -24.98 -13.85
C GLU B 439 -7.44 -23.91 -13.41
N ASP B 440 -6.71 -23.36 -14.37
CA ASP B 440 -5.58 -22.47 -14.10
C ASP B 440 -4.53 -23.13 -13.21
N MET B 441 -4.64 -24.45 -13.07
CA MET B 441 -3.75 -25.23 -12.21
C MET B 441 -3.71 -24.68 -10.79
N THR B 442 -4.87 -24.25 -10.31
CA THR B 442 -5.00 -23.65 -8.99
C THR B 442 -6.06 -24.35 -8.15
N VAL B 443 -5.80 -24.45 -6.85
CA VAL B 443 -6.78 -24.96 -5.91
C VAL B 443 -6.93 -24.00 -4.73
N SER B 444 -8.16 -23.59 -4.47
CA SER B 444 -8.45 -22.63 -3.41
C SER B 444 -9.58 -23.11 -2.52
N GLN B 445 -9.26 -23.48 -1.29
CA GLN B 445 -10.25 -23.99 -0.36
C GLN B 445 -9.72 -24.04 1.08
N ARG B 446 -10.58 -24.49 1.99
CA ARG B 446 -10.13 -24.75 3.35
C ARG B 446 -9.97 -26.26 3.48
N PHE B 447 -8.72 -26.70 3.47
CA PHE B 447 -8.42 -28.12 3.51
C PHE B 447 -8.61 -28.68 4.90
N GLN B 448 -8.98 -29.94 4.98
CA GLN B 448 -9.08 -30.63 6.26
C GLN B 448 -7.69 -31.10 6.68
N LEU B 449 -7.38 -30.91 7.95
CA LEU B 449 -6.08 -31.30 8.48
C LEU B 449 -6.10 -32.73 9.02
N SER B 450 -5.09 -33.52 8.63
CA SER B 450 -4.95 -34.87 9.14
C SER B 450 -4.18 -34.83 10.47
N ASN B 451 -4.37 -35.86 11.28
CA ASN B 451 -3.73 -35.96 12.58
C ASN B 451 -3.94 -34.70 13.42
N SER B 452 -5.18 -34.21 13.41
CA SER B 452 -5.54 -32.96 14.06
C SER B 452 -6.84 -33.10 14.84
N GLY B 453 -7.54 -31.98 14.99
CA GLY B 453 -8.88 -32.00 15.57
C GLY B 453 -9.89 -32.53 14.56
N PRO B 454 -11.12 -32.80 15.01
CA PRO B 454 -12.17 -33.34 14.13
C PRO B 454 -12.59 -32.38 13.02
N ASN B 455 -12.53 -31.08 13.27
CA ASN B 455 -12.95 -30.11 12.29
C ASN B 455 -11.89 -29.04 12.04
N SER B 456 -10.63 -29.41 12.25
CA SER B 456 -9.51 -28.50 12.04
C SER B 456 -9.24 -28.31 10.55
N THR B 457 -9.18 -27.06 10.11
CA THR B 457 -8.95 -26.75 8.71
C THR B 457 -7.87 -25.70 8.52
N ILE B 458 -7.30 -25.68 7.32
CA ILE B 458 -6.36 -24.62 6.94
C ILE B 458 -6.78 -24.09 5.56
N LYS B 459 -6.82 -22.77 5.43
CA LYS B 459 -7.26 -22.17 4.19
C LYS B 459 -6.07 -21.69 3.38
N MET B 460 -5.96 -22.22 2.16
CA MET B 460 -4.85 -21.88 1.29
C MET B 460 -5.32 -21.75 -0.15
N LYS B 461 -4.55 -21.00 -0.93
CA LYS B 461 -4.68 -21.00 -2.38
C LYS B 461 -3.35 -21.47 -2.95
N ILE B 462 -3.37 -22.59 -3.66
CA ILE B 462 -2.13 -23.15 -4.21
C ILE B 462 -2.20 -23.11 -5.73
N ALA B 463 -1.17 -22.55 -6.34
CA ALA B 463 -1.16 -22.38 -7.78
C ALA B 463 0.12 -22.92 -8.40
N LEU B 464 0.00 -23.43 -9.62
CA LEU B 464 1.13 -24.03 -10.32
C LEU B 464 1.35 -23.32 -11.63
N ARG B 465 2.62 -23.10 -11.97
CA ARG B 465 2.98 -22.55 -13.28
C ARG B 465 4.11 -23.37 -13.89
N VAL B 466 3.95 -23.74 -15.15
CA VAL B 466 4.99 -24.46 -15.87
C VAL B 466 6.00 -23.45 -16.45
N LEU B 467 7.29 -23.72 -16.27
CA LEU B 467 8.34 -22.85 -16.78
C LEU B 467 8.76 -23.28 -18.17
N HIS B 468 8.40 -22.48 -19.18
CA HIS B 468 8.69 -22.81 -20.57
C HIS B 468 9.45 -21.70 -21.27
N LEU B 469 10.41 -22.09 -22.11
CA LEU B 469 11.18 -21.13 -22.91
C LEU B 469 10.39 -20.79 -24.17
N GLU B 470 10.15 -19.49 -24.36
CA GLU B 470 9.33 -18.95 -25.46
C GLU B 470 7.88 -19.41 -25.31
C14 EGC C . -28.24 15.79 -16.80
C15 EGC C . -26.78 15.48 -16.46
C17 EGC C . -25.38 14.24 -14.95
C18 EGC C . -25.06 12.93 -15.66
C20 EGC C . -24.85 12.11 -17.86
C21 EGC C . -24.79 12.61 -19.33
C23 EGC C . -22.64 12.04 -20.25
C24 EGC C . -22.40 12.77 -21.53
C26 EGC C . -20.49 14.22 -21.61
C27 EGC C . -19.04 14.25 -22.20
C29 EGC C . -17.85 13.13 -24.02
C30 EGC C . -16.61 13.77 -23.76
C31 EGC C . -15.45 13.26 -24.33
C32 EGC C . -15.51 12.13 -25.13
C33 EGC C . -16.73 11.51 -25.39
C34 EGC C . -17.90 12.02 -24.83
C35 EGC C . -14.25 11.56 -25.78
C36 EGC C . -13.77 12.63 -26.81
C37 EGC C . -14.59 10.33 -26.58
C38 EGC C . -13.05 11.35 -24.77
C39 EGC C . -13.07 10.21 -23.64
C40 EGC C . -11.95 10.55 -22.67
C41 EGC C . -12.76 8.84 -24.18
C42 EGC C . -14.39 10.16 -22.86
O16 EGC C . -26.70 14.68 -15.28
O19 EGC C . -24.64 13.18 -16.99
O22 EGC C . -24.02 11.71 -20.15
O25 EGC C . -21.02 12.90 -21.77
O28 EGC C . -19.08 13.64 -23.46
C25 PEE D . -20.37 11.49 -33.64
C24 PEE D . -21.40 10.40 -33.49
C23 PEE D . -22.71 10.78 -34.13
C22 PEE D . -23.78 9.73 -33.92
C21 PEE D . -25.13 10.35 -33.54
C20 PEE D . -26.31 9.56 -34.06
C19 PEE D . -27.63 9.98 -33.39
C18 PEE D . -28.13 11.35 -33.88
C17 PEE D . -29.66 11.47 -33.84
C16 PEE D . -30.16 12.24 -32.60
C15 PEE D . -31.67 12.23 -32.49
C14 PEE D . -32.23 13.55 -32.00
C13 PEE D . -31.99 13.76 -30.52
C12 PEE D . -33.21 14.28 -29.81
C11 PEE D . -33.60 15.67 -30.28
C10 PEE D . -34.27 16.51 -29.18
O4 PEE D . -35.32 17.07 -29.44
O2 PEE D . -33.94 16.28 -27.81
C2 PEE D . -33.05 17.22 -27.20
C1 PEE D . -32.66 18.33 -28.14
O3P PEE D . -31.61 19.06 -27.55
C3 PEE D . -31.81 16.49 -26.72
O3 PEE D . -31.95 15.11 -27.05
C30 PEE D . -30.89 14.29 -26.60
O5 PEE D . -30.69 14.15 -25.40
C31 PEE D . -29.87 13.78 -27.60
C32 PEE D . -29.35 12.41 -27.23
C33 PEE D . -28.00 12.13 -27.86
C34 PEE D . -27.96 12.54 -29.33
C35 PEE D . -26.63 12.17 -29.98
C36 PEE D . -25.44 12.75 -29.20
C37 PEE D . -24.39 11.69 -28.90
C38 PEE D . -23.20 11.75 -29.85
C39 PEE D . -21.89 11.40 -29.14
C40 PEE D . -20.68 11.76 -29.98
C41 PEE D . -19.43 11.85 -29.14
C42 PEE D . -18.81 10.49 -28.92
C43 PEE D . -18.19 9.95 -30.18
C44 PEE D . -16.80 9.41 -29.93
C45 PEE D . -15.84 9.71 -31.07
C46 PEE D . -14.50 10.23 -30.55
C47 PEE D . -13.33 9.58 -31.27
C18 EGC E . 6.53 -5.23 -2.63
C20 EGC E . 6.68 -3.90 -0.67
C21 EGC E . 6.80 -2.42 -0.20
C23 EGC E . 7.24 -0.22 -1.10
C24 EGC E . 8.44 0.46 -1.67
C26 EGC E . 9.38 1.19 -3.73
C27 EGC E . 9.20 2.70 -4.14
C29 EGC E . 8.47 4.80 -3.17
C30 EGC E . 8.35 5.37 -4.46
C31 EGC E . 8.05 6.71 -4.60
C32 EGC E . 7.86 7.51 -3.48
C33 EGC E . 7.98 6.95 -2.21
C34 EGC E . 8.28 5.60 -2.05
C35 EGC E . 7.53 8.97 -3.63
C36 EGC E . 8.89 9.69 -4.01
C37 EGC E . 7.10 9.54 -2.30
C38 EGC E . 6.53 9.28 -4.80
C39 EGC E . 4.96 8.91 -4.69
C40 EGC E . 4.69 7.56 -4.04
C41 EGC E . 4.42 8.86 -6.08
C42 EGC E . 4.17 10.01 -3.96
O19 EGC E . 6.39 -3.94 -2.03
O22 EGC E . 7.39 -1.63 -1.25
O25 EGC E . 8.22 0.76 -3.03
O28 EGC E . 8.78 3.40 -3.00
C25 PEE F . 14.09 9.12 3.68
C24 PEE F . 14.43 9.09 5.15
C23 PEE F . 13.63 8.06 5.90
C22 PEE F . 14.28 7.65 7.20
C21 PEE F . 13.88 6.24 7.62
C20 PEE F . 14.65 5.77 8.84
C19 PEE F . 15.05 4.28 8.73
C18 PEE F . 15.91 3.84 9.92
C17 PEE F . 17.21 3.16 9.47
C16 PEE F . 17.66 2.07 10.45
C15 PEE F . 17.33 0.68 9.94
C14 PEE F . 18.00 -0.39 10.76
C13 PEE F . 18.04 -1.76 10.09
C12 PEE F . 17.37 -1.79 8.75
C11 PEE F . 16.60 -3.08 8.53
C10 PEE F . 16.85 -3.69 7.15
O4 PEE F . 17.76 -3.27 6.47
O2 PEE F . 16.17 -4.88 6.76
C2 PEE F . 14.80 -4.73 6.43
C1 PEE F . 14.33 -5.94 5.68
O3P PEE F . 14.59 -7.09 6.44
C3 PEE F . 14.58 -3.49 5.60
O3 PEE F . 14.25 -2.43 6.48
C30 PEE F . 13.72 -1.28 5.86
O5 PEE F . 12.81 -1.40 5.06
C31 PEE F . 14.08 0.09 6.38
C32 PEE F . 14.70 0.98 5.32
C33 PEE F . 13.66 1.67 4.47
C34 PEE F . 13.11 2.93 5.13
C35 PEE F . 13.68 4.19 4.49
C36 PEE F . 12.60 5.10 3.92
C37 PEE F . 11.89 4.45 2.73
C38 PEE F . 11.11 5.46 1.88
C39 PEE F . 11.85 6.77 1.74
C40 PEE F . 11.33 7.60 0.57
C41 PEE F . 9.96 8.18 0.83
C42 PEE F . 10.00 9.47 1.60
C43 PEE F . 11.27 10.27 1.33
C44 PEE F . 10.97 11.69 0.89
C45 PEE F . 9.79 11.75 -0.08
C46 PEE F . 9.78 13.04 -0.89
C47 PEE F . 8.59 13.09 -1.82
#